data_7F4M
#
_entry.id   7F4M
#
_cell.length_a   83.517
_cell.length_b   85.786
_cell.length_c   162.903
_cell.angle_alpha   90.000
_cell.angle_beta   90.000
_cell.angle_gamma   90.000
#
_symmetry.space_group_name_H-M   'P 21 21 21'
#
loop_
_entity.id
_entity.type
_entity.pdbx_description
1 polymer 'Transmembrane protein, putative'
2 polymer 'MT-a70 family protein'
3 polymer 'p1 protein'
4 non-polymer S-ADENOSYLMETHIONINE
5 water water
#
loop_
_entity_poly.entity_id
_entity_poly.type
_entity_poly.pdbx_seq_one_letter_code
_entity_poly.pdbx_strand_id
1 'polypeptide(L)'
;MKKNGKSQNQPLDFTQYAKNMRKDLSNQDICLEDGALNHSYFLTKKGQYWTPLNQKALQRGIELFGVGNWKEINYDEFSG
KANIVELELRTCMILGINDITEYYGKKISEEEQEEIKKSNIAKGKKENKLKDNIYQKLQQMQ
;
B,A
2 'polypeptide(L)'
;DDYLDRLPKSKKGLQGLLQDIEKRILHYKQLFFKEQNEIANGKRSMVPDNSIPICSDVTKLNFQALIDAQMRHAGKMFDV
IMMDPPWQLSSSQPSRGVAIAYDSLSDEKIQNMPIQSLQQDGFIFVWAINAKYRVTIKMIENWGYKLVDEITWVKKTVNG
KIAKGHGFYLQHAKESCLIGVKGDVDNGRFKKNIASDVIFSERRGQSQKPEEIYQYINQLCPNGNYLEIFARRNNLHDNW
VSIGNEL
;
C,D
3 'polypeptide(L)'
;MSLKKGKFQHNQSKSLWNYTLSPGWREEEVKILKSALQLFGIGKWKKIMESGCLPGKSIGQIYMQTQRLLGQQSLGDFMG
LQIDLEAVFNQNMKKQDVLRKNNCIINTGDNPTKEERKRRIEQNRKIYGLSAKQIAEIKLPKVKKHAPQYMTLEDIENEK
FTNLEILTHLYNLKAEIVRRLAEQGETIAQPSIIKSLNNLNHNLEQNQNSNSSTETKVTLEQSGKKKYKVLAIEETELQN
GPIATNSQKKSINGKRKNNRKINSDSEGNEEDISLEDIDSQESEINSEEIVEDDEEDEQIEEPSKIKKR
;
E,F
#
# COMPACT_ATOMS: atom_id res chain seq x y z
N PRO A 11 -26.93 -2.50 -24.64
CA PRO A 11 -26.73 -2.92 -26.02
C PRO A 11 -25.68 -2.05 -26.73
N LEU A 12 -24.43 -2.13 -26.25
CA LEU A 12 -23.31 -1.40 -26.83
C LEU A 12 -22.27 -2.42 -27.32
N ASP A 13 -22.15 -2.54 -28.65
CA ASP A 13 -21.22 -3.45 -29.30
C ASP A 13 -19.83 -2.83 -29.32
N PHE A 14 -18.89 -3.45 -28.61
CA PHE A 14 -17.57 -2.82 -28.46
C PHE A 14 -16.69 -3.04 -29.67
N THR A 15 -16.85 -4.17 -30.35
CA THR A 15 -16.04 -4.41 -31.53
C THR A 15 -16.40 -3.43 -32.64
N GLN A 16 -17.70 -3.08 -32.76
CA GLN A 16 -18.13 -2.05 -33.69
C GLN A 16 -17.84 -0.65 -33.16
N TYR A 17 -18.03 -0.42 -31.86
CA TYR A 17 -17.66 0.86 -31.24
C TYR A 17 -16.18 1.18 -31.40
N ALA A 18 -15.32 0.14 -31.42
CA ALA A 18 -13.89 0.36 -31.55
C ALA A 18 -13.52 0.87 -32.94
N LYS A 19 -14.03 0.20 -33.99
CA LYS A 19 -13.69 0.57 -35.36
C LYS A 19 -14.27 1.93 -35.71
N ASN A 20 -15.49 2.16 -35.19
CA ASN A 20 -16.27 3.37 -35.43
C ASN A 20 -15.60 4.58 -34.80
N MET A 21 -14.83 4.37 -33.71
CA MET A 21 -13.99 5.41 -33.13
C MET A 21 -12.68 5.57 -33.89
N ARG A 22 -12.01 4.45 -34.15
CA ARG A 22 -10.71 4.48 -34.81
C ARG A 22 -10.78 5.23 -36.14
N LYS A 23 -11.92 5.16 -36.84
CA LYS A 23 -12.02 5.85 -38.12
C LYS A 23 -12.02 7.37 -37.92
N ASP A 24 -12.68 7.85 -36.87
CA ASP A 24 -12.90 9.29 -36.73
C ASP A 24 -11.80 10.02 -35.94
N LEU A 25 -11.03 9.30 -35.12
CA LEU A 25 -10.05 9.88 -34.18
C LEU A 25 -8.62 9.44 -34.41
N SER A 26 -8.37 8.14 -34.56
CA SER A 26 -7.02 7.63 -34.76
C SER A 26 -6.40 8.17 -36.03
N ASN A 27 -5.06 8.16 -36.05
CA ASN A 27 -4.32 8.62 -37.20
C ASN A 27 -4.45 7.61 -38.35
N GLN A 28 -4.15 8.08 -39.57
CA GLN A 28 -4.35 7.22 -40.74
C GLN A 28 -3.49 5.99 -40.67
N ASP A 29 -2.36 6.06 -39.94
CA ASP A 29 -1.43 4.95 -39.83
C ASP A 29 -1.93 3.87 -38.88
N ILE A 30 -2.81 4.22 -37.92
CA ILE A 30 -3.17 3.28 -36.88
C ILE A 30 -4.29 2.34 -37.32
N CYS A 31 -5.25 2.85 -38.10
CA CYS A 31 -6.36 2.03 -38.55
C CYS A 31 -6.44 2.04 -40.07
N LEU A 32 -6.76 0.89 -40.64
CA LEU A 32 -7.08 0.84 -42.05
C LEU A 32 -8.42 1.53 -42.28
N GLU A 33 -8.59 2.16 -43.47
CA GLU A 33 -9.87 2.79 -43.80
C GLU A 33 -11.03 1.82 -43.58
N ASP A 34 -10.71 0.53 -43.64
CA ASP A 34 -11.54 -0.55 -43.13
C ASP A 34 -12.06 -0.25 -41.74
N GLY A 35 -11.25 0.42 -40.94
CA GLY A 35 -11.56 0.64 -39.55
C GLY A 35 -10.87 -0.30 -38.61
N ALA A 36 -10.44 -1.46 -39.08
CA ALA A 36 -9.69 -2.40 -38.26
C ALA A 36 -8.32 -1.84 -37.88
N LEU A 37 -7.67 -2.53 -36.95
CA LEU A 37 -6.36 -2.10 -36.45
C LEU A 37 -5.23 -2.50 -37.40
N ASN A 38 -4.23 -1.59 -37.54
CA ASN A 38 -3.06 -1.79 -38.41
C ASN A 38 -1.90 -2.25 -37.55
N HIS A 39 -1.85 -3.55 -37.29
CA HIS A 39 -0.78 -4.10 -36.47
C HIS A 39 0.61 -3.87 -37.04
N SER A 40 0.76 -3.63 -38.35
CA SER A 40 2.09 -3.32 -38.86
C SER A 40 2.65 -2.08 -38.18
N TYR A 41 1.78 -1.20 -37.69
CA TYR A 41 2.21 0.07 -37.12
C TYR A 41 2.82 -0.11 -35.76
N PHE A 42 2.34 -1.09 -35.01
CA PHE A 42 2.84 -1.35 -33.67
C PHE A 42 3.99 -2.34 -33.67
N LEU A 43 4.26 -3.02 -34.77
CA LEU A 43 5.46 -3.85 -34.83
C LEU A 43 6.72 -3.05 -35.11
N THR A 44 6.60 -1.74 -35.31
CA THR A 44 7.71 -0.83 -35.49
C THR A 44 7.62 0.28 -34.45
N LYS A 45 8.75 0.61 -33.81
CA LYS A 45 8.84 1.65 -32.78
C LYS A 45 8.13 2.92 -33.20
N LYS A 46 7.80 3.77 -32.23
CA LYS A 46 7.10 5.02 -32.54
C LYS A 46 8.04 5.99 -33.23
N GLY A 47 7.70 6.39 -34.45
CA GLY A 47 8.48 7.36 -35.20
C GLY A 47 9.37 6.74 -36.27
N GLN A 48 9.49 5.41 -36.28
CA GLN A 48 10.21 4.68 -37.32
C GLN A 48 9.28 3.81 -38.15
N TYR A 49 7.98 4.09 -38.16
CA TYR A 49 7.10 3.34 -39.05
C TYR A 49 7.26 3.83 -40.48
N TRP A 50 7.06 2.90 -41.41
CA TRP A 50 7.21 3.13 -42.84
C TRP A 50 5.82 3.06 -43.45
N THR A 51 5.21 4.22 -43.62
CA THR A 51 3.92 4.34 -44.29
C THR A 51 4.00 3.87 -45.74
N PRO A 52 2.88 3.40 -46.29
CA PRO A 52 2.85 3.11 -47.74
C PRO A 52 3.05 4.36 -48.59
N LEU A 53 2.58 5.53 -48.13
CA LEU A 53 2.91 6.75 -48.83
C LEU A 53 4.42 7.02 -48.85
N ASN A 54 5.18 6.31 -48.04
CA ASN A 54 6.63 6.41 -48.06
C ASN A 54 7.26 5.41 -49.01
N GLN A 55 6.66 4.24 -49.20
CA GLN A 55 7.23 3.29 -50.16
C GLN A 55 7.01 3.78 -51.58
N LYS A 56 5.85 4.38 -51.86
CA LYS A 56 5.67 4.98 -53.17
C LYS A 56 6.57 6.19 -53.35
N ALA A 57 6.79 6.97 -52.29
CA ALA A 57 7.72 8.08 -52.38
C ALA A 57 9.13 7.60 -52.74
N LEU A 58 9.53 6.43 -52.26
CA LEU A 58 10.88 5.96 -52.57
C LEU A 58 10.95 5.49 -54.02
N GLN A 59 10.04 4.61 -54.42
CA GLN A 59 10.05 4.09 -55.79
C GLN A 59 10.11 5.24 -56.79
N ARG A 60 9.35 6.30 -56.50
CA ARG A 60 9.41 7.51 -57.30
C ARG A 60 10.81 8.13 -57.30
N GLY A 61 11.49 8.13 -56.16
CA GLY A 61 12.81 8.73 -56.10
C GLY A 61 13.84 7.99 -56.93
N ILE A 62 13.64 6.70 -57.17
CA ILE A 62 14.64 5.96 -57.92
C ILE A 62 14.63 6.39 -59.38
N GLU A 63 13.47 6.76 -59.92
CA GLU A 63 13.40 7.21 -61.31
C GLU A 63 14.05 8.60 -61.47
N LEU A 64 13.85 9.50 -60.50
CA LEU A 64 14.30 10.88 -60.64
C LEU A 64 15.73 11.11 -60.17
N PHE A 65 16.25 10.27 -59.28
CA PHE A 65 17.58 10.50 -58.73
C PHE A 65 18.49 9.27 -58.73
N GLY A 66 17.99 8.09 -59.14
CA GLY A 66 18.78 6.87 -59.21
C GLY A 66 18.96 6.15 -57.89
N VAL A 67 19.63 5.00 -57.94
CA VAL A 67 19.81 4.15 -56.77
C VAL A 67 20.75 4.77 -55.72
N GLY A 68 21.85 5.39 -56.13
CA GLY A 68 22.88 5.75 -55.16
C GLY A 68 22.62 6.99 -54.35
N ASN A 69 21.91 7.97 -54.91
CA ASN A 69 21.85 9.29 -54.28
C ASN A 69 20.72 9.31 -53.26
N TRP A 70 20.99 8.71 -52.09
CA TRP A 70 20.03 8.76 -51.00
C TRP A 70 19.90 10.19 -50.47
N LYS A 71 21.02 10.90 -50.33
CA LYS A 71 20.98 12.25 -49.79
C LYS A 71 20.00 13.11 -50.59
N GLU A 72 20.11 13.05 -51.93
CA GLU A 72 19.27 13.84 -52.82
C GLU A 72 17.81 13.38 -52.78
N ILE A 73 17.57 12.08 -52.58
CA ILE A 73 16.19 11.59 -52.57
C ILE A 73 15.48 11.99 -51.30
N ASN A 74 16.07 11.63 -50.14
CA ASN A 74 15.59 12.10 -48.86
C ASN A 74 15.24 13.57 -48.93
N TYR A 75 15.94 14.34 -49.79
CA TYR A 75 15.66 15.74 -49.89
C TYR A 75 14.28 15.99 -50.48
N ASP A 76 13.97 15.40 -51.64
CA ASP A 76 12.83 15.85 -52.44
C ASP A 76 11.52 15.22 -51.99
N GLU A 77 11.60 13.94 -51.68
CA GLU A 77 10.43 13.15 -51.37
C GLU A 77 10.10 13.15 -49.89
N PHE A 78 11.11 13.18 -49.02
CA PHE A 78 10.91 13.10 -47.59
C PHE A 78 11.29 14.38 -46.87
N SER A 79 11.52 15.46 -47.61
CA SER A 79 11.89 16.74 -47.04
C SER A 79 12.90 16.58 -45.91
N GLY A 80 13.93 15.77 -46.13
CA GLY A 80 15.09 15.71 -45.26
C GLY A 80 14.88 15.03 -43.93
N LYS A 81 13.87 14.19 -43.82
CA LYS A 81 13.46 13.62 -42.55
C LYS A 81 13.64 12.12 -42.47
N ALA A 82 13.83 11.44 -43.59
CA ALA A 82 13.92 9.99 -43.57
C ALA A 82 15.37 9.55 -43.33
N ASN A 83 15.53 8.26 -43.07
CA ASN A 83 16.83 7.72 -42.70
C ASN A 83 17.56 7.27 -43.96
N ILE A 84 18.77 7.81 -44.20
CA ILE A 84 19.52 7.40 -45.39
C ILE A 84 19.67 5.89 -45.41
N VAL A 85 19.92 5.28 -44.25
CA VAL A 85 20.18 3.85 -44.24
C VAL A 85 18.89 3.06 -44.38
N GLU A 86 17.74 3.62 -43.98
CA GLU A 86 16.47 2.91 -44.18
C GLU A 86 16.08 2.91 -45.66
N LEU A 87 16.33 4.00 -46.37
CA LEU A 87 16.31 3.93 -47.83
C LEU A 87 17.24 2.83 -48.33
N GLU A 88 18.52 2.89 -47.90
CA GLU A 88 19.57 1.99 -48.40
C GLU A 88 19.15 0.54 -48.31
N LEU A 89 18.30 0.22 -47.32
CA LEU A 89 17.86 -1.16 -47.08
C LEU A 89 16.52 -1.45 -47.75
N ARG A 90 15.61 -0.50 -47.72
CA ARG A 90 14.29 -0.75 -48.30
C ARG A 90 14.36 -0.97 -49.79
N THR A 91 15.43 -0.46 -50.43
CA THR A 91 15.59 -0.73 -51.84
C THR A 91 16.12 -2.14 -52.08
N CYS A 92 16.96 -2.66 -51.18
CA CYS A 92 17.34 -4.07 -51.29
C CYS A 92 16.11 -4.95 -51.38
N MET A 93 15.08 -4.66 -50.58
CA MET A 93 13.84 -5.41 -50.62
C MET A 93 13.08 -5.15 -51.91
N ILE A 94 13.31 -4.01 -52.54
CA ILE A 94 12.69 -3.76 -53.84
C ILE A 94 13.42 -4.53 -54.92
N LEU A 95 14.74 -4.63 -54.82
CA LEU A 95 15.54 -5.35 -55.79
C LEU A 95 15.79 -6.80 -55.39
N GLY A 96 15.14 -7.29 -54.34
CA GLY A 96 15.29 -8.66 -53.85
C GLY A 96 16.71 -9.16 -53.77
N ILE A 97 17.66 -8.28 -53.47
CA ILE A 97 19.07 -8.66 -53.41
C ILE A 97 19.68 -7.99 -52.17
N ASN A 98 20.63 -8.69 -51.54
CA ASN A 98 21.17 -8.17 -50.29
C ASN A 98 22.23 -7.10 -50.52
N ASP A 99 22.92 -7.17 -51.64
CA ASP A 99 23.95 -6.21 -52.02
C ASP A 99 23.53 -5.52 -53.31
N ILE A 100 23.38 -4.19 -53.24
CA ILE A 100 22.99 -3.46 -54.43
C ILE A 100 24.12 -2.59 -54.97
N THR A 101 25.38 -2.94 -54.65
CA THR A 101 26.49 -2.16 -55.20
C THR A 101 26.45 -2.14 -56.72
N GLU A 102 25.92 -3.21 -57.33
CA GLU A 102 25.91 -3.31 -58.79
C GLU A 102 25.03 -2.25 -59.42
N TYR A 103 23.91 -1.95 -58.76
CA TYR A 103 22.86 -1.07 -59.26
C TYR A 103 23.08 0.38 -58.88
N TYR A 104 24.21 0.69 -58.26
CA TYR A 104 24.53 2.05 -57.87
C TYR A 104 24.40 2.98 -59.07
N GLY A 105 23.67 4.07 -58.89
CA GLY A 105 23.59 5.17 -59.82
C GLY A 105 22.65 4.97 -60.98
N LYS A 106 21.99 3.82 -61.07
CA LYS A 106 21.07 3.55 -62.16
C LYS A 106 19.70 4.10 -61.81
N LYS A 107 19.20 5.03 -62.63
CA LYS A 107 17.81 5.48 -62.51
C LYS A 107 16.92 4.36 -63.04
N ILE A 108 16.09 3.79 -62.17
CA ILE A 108 15.32 2.59 -62.52
C ILE A 108 13.83 2.90 -62.46
N SER A 109 13.14 2.64 -63.57
CA SER A 109 11.71 2.87 -63.62
C SER A 109 10.99 1.91 -62.69
N GLU A 110 9.82 2.35 -62.20
CA GLU A 110 9.05 1.51 -61.27
C GLU A 110 8.69 0.18 -61.90
N GLU A 111 8.56 0.13 -63.21
CA GLU A 111 8.25 -1.11 -63.87
C GLU A 111 9.48 -1.97 -64.07
N GLU A 112 10.65 -1.34 -64.13
CA GLU A 112 11.88 -2.11 -64.24
C GLU A 112 12.27 -2.71 -62.89
N GLN A 113 11.81 -2.11 -61.78
CA GLN A 113 12.14 -2.62 -60.45
C GLN A 113 11.56 -4.01 -60.25
N GLU A 114 10.26 -4.18 -60.55
CA GLU A 114 9.64 -5.49 -60.34
C GLU A 114 10.30 -6.56 -61.19
N GLU A 115 10.64 -6.23 -62.44
CA GLU A 115 11.43 -7.15 -63.25
C GLU A 115 12.77 -7.46 -62.57
N ILE A 116 13.44 -6.43 -62.04
CA ILE A 116 14.73 -6.66 -61.40
C ILE A 116 14.57 -7.48 -60.14
N LYS A 117 13.46 -7.28 -59.43
CA LYS A 117 13.18 -8.09 -58.26
C LYS A 117 12.88 -9.53 -58.67
N LYS A 118 11.89 -9.70 -59.53
CA LYS A 118 11.54 -11.03 -60.01
C LYS A 118 12.74 -11.74 -60.61
N SER A 119 13.59 -11.03 -61.36
CA SER A 119 14.73 -11.71 -61.95
C SER A 119 15.78 -12.09 -60.92
N ASN A 120 15.84 -11.38 -59.78
CA ASN A 120 16.82 -11.65 -58.73
C ASN A 120 16.30 -12.68 -57.71
N ILE A 121 15.00 -12.66 -57.44
CA ILE A 121 14.36 -13.74 -56.69
C ILE A 121 14.53 -15.06 -57.43
N ALA A 122 14.04 -15.15 -58.67
CA ALA A 122 14.24 -16.34 -59.47
C ALA A 122 15.72 -16.69 -59.59
N LYS A 123 16.57 -15.67 -59.85
CA LYS A 123 18.01 -15.89 -59.79
C LYS A 123 18.39 -16.52 -58.47
N GLY A 124 17.91 -15.95 -57.36
CA GLY A 124 18.16 -16.54 -56.06
C GLY A 124 17.60 -17.95 -55.92
N LYS A 125 16.34 -18.15 -56.32
CA LYS A 125 15.69 -19.45 -56.13
C LYS A 125 16.49 -20.57 -56.76
N LYS A 126 16.99 -20.35 -57.98
CA LYS A 126 17.74 -21.39 -58.68
C LYS A 126 18.97 -21.84 -57.89
N GLU A 127 19.82 -20.90 -57.46
CA GLU A 127 21.07 -21.29 -56.82
C GLU A 127 20.94 -21.58 -55.33
N ASN A 128 19.72 -21.66 -54.78
CA ASN A 128 19.48 -21.83 -53.34
C ASN A 128 20.29 -20.80 -52.53
N LYS A 129 20.47 -19.62 -53.12
CA LYS A 129 21.03 -18.46 -52.47
C LYS A 129 19.97 -17.38 -52.22
N LEU A 130 18.73 -17.79 -51.99
CA LEU A 130 17.59 -16.91 -51.71
C LEU A 130 17.04 -17.13 -50.30
N LYS A 131 16.85 -16.03 -49.56
CA LYS A 131 16.16 -16.03 -48.28
C LYS A 131 15.27 -14.79 -48.14
N ASP A 132 14.05 -15.01 -47.66
CA ASP A 132 13.17 -13.93 -47.24
C ASP A 132 12.82 -13.02 -48.42
N ASN A 133 12.51 -13.67 -49.56
CA ASN A 133 12.21 -13.01 -50.83
C ASN A 133 13.39 -12.17 -51.35
N ILE A 134 14.59 -12.44 -50.85
CA ILE A 134 15.80 -11.68 -51.16
C ILE A 134 16.91 -12.64 -51.55
N TYR A 135 17.58 -12.34 -52.65
CA TYR A 135 18.70 -13.15 -53.12
C TYR A 135 19.98 -12.64 -52.46
N GLN A 136 20.68 -13.52 -51.77
CA GLN A 136 21.88 -13.09 -51.06
C GLN A 136 23.07 -13.37 -51.95
N LYS A 137 23.48 -12.37 -52.73
CA LYS A 137 24.68 -12.51 -53.51
C LYS A 137 25.94 -12.33 -52.67
N LEU A 138 25.80 -11.89 -51.43
CA LEU A 138 26.92 -11.77 -50.50
C LEU A 138 26.64 -12.72 -49.34
N GLN A 139 27.50 -13.71 -49.15
CA GLN A 139 27.31 -14.75 -48.15
C GLN A 139 28.48 -14.75 -47.18
N GLN A 140 28.20 -14.68 -45.88
CA GLN A 140 29.25 -14.72 -44.85
C GLN A 140 29.01 -15.85 -43.84
N ASP B 2 33.23 7.36 -33.48
CA ASP B 2 32.11 7.86 -32.69
C ASP B 2 31.54 6.79 -31.76
N TYR B 3 31.96 6.75 -30.50
CA TYR B 3 32.94 7.63 -29.84
C TYR B 3 34.41 7.66 -30.35
N LEU B 4 35.00 8.86 -30.39
CA LEU B 4 36.31 9.14 -30.99
C LEU B 4 37.50 8.56 -30.20
N ASP B 5 37.34 8.33 -28.89
CA ASP B 5 38.42 7.89 -28.01
C ASP B 5 38.48 6.38 -27.81
N ARG B 6 37.34 5.70 -27.92
CA ARG B 6 37.31 4.24 -27.97
C ARG B 6 37.59 3.69 -29.36
N LEU B 7 37.78 4.54 -30.35
CA LEU B 7 38.03 4.04 -31.69
C LEU B 7 39.52 3.84 -31.94
N PRO B 8 39.91 2.92 -32.82
CA PRO B 8 41.32 2.75 -33.13
C PRO B 8 41.83 3.82 -34.09
N LYS B 9 43.12 4.02 -34.02
CA LYS B 9 43.79 5.00 -34.87
C LYS B 9 44.88 4.40 -35.72
N SER B 10 45.32 3.17 -35.42
CA SER B 10 46.29 2.51 -36.27
C SER B 10 45.59 1.97 -37.51
N LYS B 11 46.37 1.85 -38.59
CA LYS B 11 45.80 1.24 -39.79
C LYS B 11 45.37 -0.20 -39.50
N LYS B 12 46.26 -1.00 -38.88
CA LYS B 12 45.91 -2.38 -38.60
C LYS B 12 44.65 -2.48 -37.75
N GLY B 13 44.41 -1.49 -36.88
CA GLY B 13 43.26 -1.55 -36.00
C GLY B 13 41.99 -1.11 -36.72
N LEU B 14 42.15 -0.17 -37.64
CA LEU B 14 41.00 0.38 -38.34
C LEU B 14 40.52 -0.56 -39.43
N GLN B 15 41.44 -1.14 -40.20
CA GLN B 15 41.05 -2.13 -41.20
C GLN B 15 40.37 -3.33 -40.52
N GLY B 16 40.93 -3.81 -39.42
CA GLY B 16 40.34 -4.91 -38.71
C GLY B 16 38.91 -4.60 -38.28
N LEU B 17 38.66 -3.37 -37.90
CA LEU B 17 37.33 -3.00 -37.43
C LEU B 17 36.35 -2.87 -38.58
N LEU B 18 36.83 -2.38 -39.72
CA LEU B 18 35.99 -2.28 -40.90
C LEU B 18 35.63 -3.66 -41.42
N GLN B 19 36.54 -4.62 -41.29
CA GLN B 19 36.24 -5.95 -41.78
C GLN B 19 35.13 -6.58 -40.96
N ASP B 20 35.16 -6.41 -39.64
CA ASP B 20 34.14 -6.95 -38.74
C ASP B 20 32.80 -6.22 -38.86
N ILE B 21 32.79 -4.93 -39.21
CA ILE B 21 31.53 -4.22 -39.38
C ILE B 21 30.81 -4.75 -40.63
N GLU B 22 31.52 -4.85 -41.75
CA GLU B 22 30.93 -5.42 -42.94
C GLU B 22 30.21 -6.72 -42.63
N LYS B 23 30.90 -7.69 -42.01
CA LYS B 23 30.26 -8.95 -41.62
C LYS B 23 29.00 -8.68 -40.81
N ARG B 24 29.05 -7.68 -39.93
CA ARG B 24 27.92 -7.46 -39.05
C ARG B 24 26.76 -6.77 -39.74
N ILE B 25 27.02 -5.97 -40.77
CA ILE B 25 25.94 -5.36 -41.53
C ILE B 25 25.19 -6.43 -42.32
N LEU B 26 25.91 -7.36 -42.95
CA LEU B 26 25.26 -8.52 -43.56
C LEU B 26 24.39 -9.25 -42.55
N HIS B 27 24.81 -9.30 -41.29
CA HIS B 27 24.03 -10.01 -40.28
C HIS B 27 22.74 -9.28 -39.98
N TYR B 28 22.84 -8.02 -39.58
CA TYR B 28 21.64 -7.25 -39.28
C TYR B 28 20.86 -6.84 -40.51
N LYS B 29 21.40 -7.08 -41.72
CA LYS B 29 20.59 -6.91 -42.92
C LYS B 29 19.56 -8.03 -43.03
N GLN B 30 20.02 -9.28 -42.94
CA GLN B 30 19.12 -10.41 -43.11
C GLN B 30 18.09 -10.46 -41.98
N LEU B 31 18.48 -10.00 -40.77
CA LEU B 31 17.55 -9.89 -39.67
C LEU B 31 16.50 -8.82 -39.90
N PHE B 32 16.83 -7.81 -40.71
CA PHE B 32 15.89 -6.73 -40.99
C PHE B 32 14.99 -7.07 -42.18
N PHE B 33 15.52 -7.80 -43.17
CA PHE B 33 14.66 -8.32 -44.24
C PHE B 33 13.68 -9.33 -43.68
N LYS B 34 14.15 -10.28 -42.88
CA LYS B 34 13.26 -11.25 -42.28
C LYS B 34 12.25 -10.61 -41.34
N GLU B 35 12.63 -9.54 -40.64
CA GLU B 35 11.69 -8.83 -39.78
C GLU B 35 10.61 -8.16 -40.61
N GLN B 36 11.00 -7.42 -41.64
CA GLN B 36 10.04 -6.67 -42.46
C GLN B 36 9.10 -7.59 -43.24
N ASN B 37 9.65 -8.69 -43.76
CA ASN B 37 8.84 -9.66 -44.48
C ASN B 37 7.79 -10.28 -43.56
N GLU B 38 8.17 -10.70 -42.35
CA GLU B 38 7.20 -11.23 -41.41
C GLU B 38 6.15 -10.19 -41.09
N ILE B 39 6.57 -8.98 -40.77
CA ILE B 39 5.66 -7.91 -40.42
C ILE B 39 4.81 -7.66 -41.63
N ALA B 40 5.44 -7.76 -42.77
CA ALA B 40 4.82 -7.47 -44.03
C ALA B 40 3.64 -8.38 -44.31
N ASN B 41 3.79 -9.67 -44.04
CA ASN B 41 2.77 -10.61 -44.48
C ASN B 41 2.22 -11.68 -43.53
N GLY B 42 1.39 -11.29 -42.58
CA GLY B 42 1.42 -10.05 -41.88
C GLY B 42 1.32 -10.43 -40.41
N LYS B 43 2.30 -10.01 -39.63
CA LYS B 43 2.42 -10.43 -38.24
C LYS B 43 1.37 -9.74 -37.41
N ARG B 44 1.12 -10.24 -36.21
CA ARG B 44 0.19 -9.61 -35.30
C ARG B 44 0.92 -8.99 -34.11
N SER B 45 0.59 -7.75 -33.78
CA SER B 45 1.17 -7.06 -32.65
C SER B 45 0.55 -7.55 -31.34
N MET B 46 1.12 -7.09 -30.21
CA MET B 46 0.63 -7.46 -28.89
C MET B 46 -0.65 -6.73 -28.52
N VAL B 47 -1.04 -5.75 -29.32
CA VAL B 47 -2.22 -4.91 -29.07
C VAL B 47 -3.49 -5.72 -29.22
N PRO B 48 -4.42 -5.56 -28.26
CA PRO B 48 -5.75 -6.18 -28.41
C PRO B 48 -6.52 -5.50 -29.52
N ASP B 49 -7.49 -6.21 -30.13
CA ASP B 49 -8.10 -5.69 -31.35
C ASP B 49 -9.03 -4.52 -31.06
N ASN B 50 -9.66 -4.49 -29.88
CA ASN B 50 -10.58 -3.40 -29.60
C ASN B 50 -9.91 -2.13 -29.11
N SER B 51 -8.59 -2.10 -28.95
CA SER B 51 -7.98 -0.88 -28.45
C SER B 51 -8.10 0.23 -29.49
N ILE B 52 -7.98 1.46 -28.99
CA ILE B 52 -8.27 2.68 -29.73
C ILE B 52 -7.19 3.69 -29.41
N PRO B 53 -6.02 3.56 -30.06
CA PRO B 53 -4.93 4.54 -29.86
C PRO B 53 -5.13 5.84 -30.61
N ILE B 54 -4.54 6.92 -30.08
CA ILE B 54 -4.62 8.27 -30.65
C ILE B 54 -3.29 8.92 -30.29
N CYS B 55 -2.43 9.14 -31.27
CA CYS B 55 -1.22 9.86 -30.96
C CYS B 55 -1.55 11.34 -31.11
N SER B 56 -1.49 12.08 -30.00
CA SER B 56 -1.67 13.52 -30.08
C SER B 56 -1.07 14.16 -28.84
N ASP B 57 -0.84 15.46 -28.94
CA ASP B 57 -0.40 16.31 -27.84
C ASP B 57 -1.66 16.93 -27.24
N VAL B 58 -1.88 16.69 -25.94
CA VAL B 58 -3.12 17.09 -25.27
C VAL B 58 -3.27 18.61 -25.21
N THR B 59 -2.17 19.34 -25.20
CA THR B 59 -2.30 20.77 -25.40
C THR B 59 -2.93 21.08 -26.77
N LYS B 60 -2.39 20.49 -27.85
CA LYS B 60 -2.87 20.77 -29.22
C LYS B 60 -4.19 20.06 -29.55
N LEU B 61 -4.46 18.95 -28.90
CA LEU B 61 -5.62 18.16 -29.25
C LEU B 61 -6.90 18.90 -28.88
N ASN B 62 -7.89 18.82 -29.77
CA ASN B 62 -9.22 19.35 -29.51
C ASN B 62 -10.03 18.25 -28.84
N PHE B 63 -10.38 18.45 -27.57
CA PHE B 63 -11.18 17.44 -26.88
C PHE B 63 -12.59 17.34 -27.44
N GLN B 64 -13.09 18.41 -28.05
CA GLN B 64 -14.45 18.37 -28.57
C GLN B 64 -14.58 17.36 -29.71
N ALA B 65 -13.55 17.22 -30.54
CA ALA B 65 -13.57 16.17 -31.55
C ALA B 65 -13.80 14.79 -30.92
N LEU B 66 -13.22 14.56 -29.74
CA LEU B 66 -13.48 13.30 -29.05
C LEU B 66 -14.88 13.30 -28.45
N ILE B 67 -15.27 14.41 -27.84
CA ILE B 67 -16.57 14.52 -27.19
C ILE B 67 -17.68 14.20 -28.18
N ASP B 68 -17.61 14.78 -29.38
CA ASP B 68 -18.67 14.59 -30.36
C ASP B 68 -18.66 13.16 -30.91
N ALA B 69 -17.47 12.63 -31.28
CA ALA B 69 -17.35 11.27 -31.81
C ALA B 69 -17.63 10.25 -30.72
N GLN B 70 -17.53 10.68 -29.46
CA GLN B 70 -17.88 9.85 -28.34
C GLN B 70 -19.39 9.67 -28.24
N MET B 71 -20.11 10.79 -28.15
CA MET B 71 -21.57 10.75 -28.13
C MET B 71 -22.11 10.06 -29.36
N ARG B 72 -21.49 10.31 -30.51
CA ARG B 72 -21.96 9.72 -31.77
C ARG B 72 -22.03 8.19 -31.69
N HIS B 73 -21.13 7.55 -30.92
CA HIS B 73 -20.94 6.10 -30.97
C HIS B 73 -21.28 5.39 -29.65
N ALA B 74 -20.82 5.92 -28.51
CA ALA B 74 -21.12 5.27 -27.22
C ALA B 74 -22.52 5.66 -26.72
N GLY B 75 -23.00 6.85 -27.13
CA GLY B 75 -24.21 7.42 -26.60
C GLY B 75 -24.08 7.95 -25.19
N LYS B 76 -22.87 7.97 -24.62
CA LYS B 76 -22.63 8.45 -23.25
C LYS B 76 -21.19 8.91 -23.06
N MET B 77 -20.97 9.77 -22.06
CA MET B 77 -19.58 10.07 -21.76
C MET B 77 -18.97 8.95 -20.92
N PHE B 78 -17.70 9.12 -20.56
CA PHE B 78 -16.91 8.02 -20.02
C PHE B 78 -17.35 7.63 -18.61
N ASP B 79 -17.02 6.39 -18.25
CA ASP B 79 -17.24 5.84 -16.92
C ASP B 79 -16.00 5.97 -16.04
N VAL B 80 -14.81 5.74 -16.57
CA VAL B 80 -13.57 5.80 -15.80
C VAL B 80 -12.44 6.41 -16.63
N ILE B 81 -11.72 7.37 -16.04
CA ILE B 81 -10.63 8.10 -16.68
C ILE B 81 -9.36 7.91 -15.85
N MET B 82 -8.25 7.49 -16.48
CA MET B 82 -6.99 7.30 -15.77
C MET B 82 -5.84 8.09 -16.41
N MET B 83 -4.94 8.59 -15.55
CA MET B 83 -3.93 9.57 -15.88
C MET B 83 -2.61 9.20 -15.22
N ASP B 84 -1.51 9.67 -15.80
CA ASP B 84 -0.18 9.53 -15.20
C ASP B 84 0.59 10.71 -15.65
N PRO B 85 0.21 11.90 -15.22
CA PRO B 85 0.72 13.15 -15.73
C PRO B 85 2.23 13.17 -15.71
N PRO B 86 2.84 13.68 -16.80
CA PRO B 86 4.30 13.81 -16.85
C PRO B 86 4.75 15.04 -16.09
N TRP B 87 4.86 14.88 -14.79
CA TRP B 87 5.07 16.01 -13.93
C TRP B 87 6.42 16.63 -14.22
N GLN B 88 6.55 17.89 -13.83
CA GLN B 88 7.79 18.59 -14.10
C GLN B 88 8.59 18.87 -12.83
N ASP B 103 8.10 15.22 -23.23
CA ASP B 103 8.58 14.48 -22.08
C ASP B 103 7.96 14.93 -20.78
N SER B 104 7.84 16.24 -20.58
CA SER B 104 7.25 16.77 -19.38
C SER B 104 6.29 17.89 -19.71
N LEU B 105 5.25 18.04 -18.90
CA LEU B 105 4.25 19.08 -19.12
C LEU B 105 4.16 19.97 -17.91
N SER B 106 4.05 21.26 -18.15
CA SER B 106 4.04 22.20 -17.04
C SER B 106 2.87 21.84 -16.19
N ASP B 107 3.06 21.95 -14.89
CA ASP B 107 2.13 21.41 -13.93
C ASP B 107 0.80 22.03 -14.25
N GLU B 108 0.83 23.30 -14.62
CA GLU B 108 -0.35 24.03 -15.00
C GLU B 108 -1.04 23.50 -16.24
N LYS B 109 -0.28 23.11 -17.24
CA LYS B 109 -0.87 22.74 -18.53
C LYS B 109 -1.86 21.62 -18.41
N ILE B 110 -1.43 20.57 -17.75
CA ILE B 110 -2.27 19.44 -17.41
C ILE B 110 -3.43 19.91 -16.56
N GLN B 111 -3.19 20.85 -15.67
CA GLN B 111 -4.24 21.35 -14.81
C GLN B 111 -5.32 21.92 -15.70
N ASN B 112 -4.89 22.63 -16.73
CA ASN B 112 -5.79 23.34 -17.61
C ASN B 112 -6.66 22.43 -18.44
N MET B 113 -6.29 21.16 -18.53
CA MET B 113 -6.95 20.26 -19.45
C MET B 113 -8.42 20.19 -19.15
N PRO B 114 -9.26 20.13 -20.27
CA PRO B 114 -10.69 20.15 -19.93
C PRO B 114 -11.14 18.74 -19.68
N ILE B 115 -11.00 18.33 -18.44
CA ILE B 115 -11.49 17.03 -18.04
C ILE B 115 -12.86 17.13 -17.39
N GLN B 116 -13.37 18.34 -17.19
CA GLN B 116 -14.77 18.45 -16.78
C GLN B 116 -15.69 18.10 -17.94
N SER B 117 -15.33 18.49 -19.17
CA SER B 117 -16.16 18.19 -20.32
C SER B 117 -16.31 16.69 -20.51
N LEU B 118 -15.30 15.92 -20.12
CA LEU B 118 -15.11 14.61 -20.73
C LEU B 118 -15.91 13.52 -20.05
N GLN B 119 -16.33 13.74 -18.81
CA GLN B 119 -17.08 12.74 -18.10
C GLN B 119 -18.12 13.34 -17.17
N GLN B 120 -19.37 12.96 -17.44
CA GLN B 120 -20.53 13.32 -16.63
C GLN B 120 -20.73 12.65 -15.27
N ASP B 121 -20.61 11.33 -15.25
CA ASP B 121 -20.87 10.52 -14.08
C ASP B 121 -19.95 9.31 -14.14
N GLY B 122 -19.09 9.17 -13.14
CA GLY B 122 -18.12 8.08 -13.08
C GLY B 122 -16.94 8.41 -12.15
N PHE B 123 -15.78 7.79 -12.41
CA PHE B 123 -14.58 7.87 -11.56
C PHE B 123 -13.41 8.52 -12.31
N ILE B 124 -12.33 8.83 -11.59
CA ILE B 124 -11.01 9.22 -12.09
C ILE B 124 -9.97 8.32 -11.39
N PHE B 125 -8.78 8.16 -12.01
CA PHE B 125 -7.59 7.51 -11.45
C PHE B 125 -6.39 8.33 -11.90
N VAL B 126 -5.78 9.03 -10.97
CA VAL B 126 -4.65 9.88 -11.28
C VAL B 126 -3.46 9.34 -10.52
N TRP B 127 -2.36 9.15 -11.22
CA TRP B 127 -1.14 8.72 -10.56
C TRP B 127 -0.35 9.90 -10.09
N ALA B 128 0.12 9.81 -8.85
CA ALA B 128 0.81 10.91 -8.22
C ALA B 128 2.05 10.40 -7.54
N ILE B 129 3.17 11.07 -7.76
CA ILE B 129 4.38 10.86 -6.99
C ILE B 129 4.27 11.70 -5.73
N ASN B 130 5.06 11.36 -4.70
CA ASN B 130 4.99 12.05 -3.42
C ASN B 130 5.11 13.56 -3.58
N ALA B 131 5.90 14.03 -4.56
CA ALA B 131 6.12 15.47 -4.76
C ALA B 131 4.89 16.19 -5.28
N LYS B 132 4.04 15.52 -6.06
CA LYS B 132 2.86 16.17 -6.60
C LYS B 132 1.60 15.49 -6.04
N TYR B 133 1.71 14.97 -4.83
CA TYR B 133 0.57 14.27 -4.22
C TYR B 133 -0.54 15.24 -3.87
N ARG B 134 -0.22 16.25 -3.05
CA ARG B 134 -1.18 17.29 -2.74
C ARG B 134 -1.72 17.97 -4.01
N VAL B 135 -0.87 18.18 -5.01
CA VAL B 135 -1.31 18.93 -6.18
C VAL B 135 -2.46 18.23 -6.87
N THR B 136 -2.38 16.90 -6.96
CA THR B 136 -3.42 16.15 -7.65
C THR B 136 -4.79 16.36 -6.99
N ILE B 137 -4.85 16.23 -5.68
CA ILE B 137 -6.11 16.44 -4.97
C ILE B 137 -6.79 17.73 -5.42
N LYS B 138 -6.07 18.86 -5.35
CA LYS B 138 -6.77 20.09 -5.71
C LYS B 138 -6.87 20.26 -7.22
N MET B 139 -6.07 19.52 -7.97
CA MET B 139 -6.23 19.49 -9.42
C MET B 139 -7.56 18.87 -9.82
N ILE B 140 -7.95 17.77 -9.18
CA ILE B 140 -9.17 17.07 -9.53
C ILE B 140 -10.39 17.54 -8.72
N GLU B 141 -10.20 18.17 -7.56
CA GLU B 141 -11.31 18.89 -6.95
C GLU B 141 -11.73 20.05 -7.82
N ASN B 142 -10.77 20.59 -8.58
CA ASN B 142 -11.13 21.54 -9.61
C ASN B 142 -11.95 20.87 -10.66
N TRP B 143 -11.56 19.66 -11.05
CA TRP B 143 -12.31 18.97 -12.09
C TRP B 143 -13.69 18.54 -11.61
N GLY B 144 -14.12 19.00 -10.46
CA GLY B 144 -15.41 18.64 -9.90
C GLY B 144 -15.45 17.30 -9.20
N TYR B 145 -14.38 16.51 -9.27
CA TYR B 145 -14.37 15.21 -8.61
C TYR B 145 -14.31 15.38 -7.12
N LYS B 146 -14.95 14.43 -6.45
CA LYS B 146 -14.93 14.27 -4.99
C LYS B 146 -13.92 13.19 -4.63
N LEU B 147 -12.88 13.58 -3.89
CA LEU B 147 -11.86 12.60 -3.49
C LEU B 147 -12.47 11.51 -2.66
N VAL B 148 -12.12 10.27 -2.98
CA VAL B 148 -12.71 9.13 -2.31
C VAL B 148 -11.60 8.28 -1.71
N ASP B 149 -10.80 7.67 -2.57
CA ASP B 149 -10.00 6.51 -2.22
C ASP B 149 -8.61 6.60 -2.84
N GLU B 150 -7.65 5.86 -2.26
CA GLU B 150 -6.28 5.81 -2.74
C GLU B 150 -5.84 4.35 -2.91
N ILE B 151 -5.40 4.02 -4.12
CA ILE B 151 -4.80 2.73 -4.45
C ILE B 151 -3.30 2.88 -4.32
N THR B 152 -2.67 2.01 -3.55
CA THR B 152 -1.25 2.14 -3.28
C THR B 152 -0.51 0.98 -3.92
N TRP B 153 0.53 1.30 -4.67
CA TRP B 153 1.34 0.35 -5.42
C TRP B 153 2.67 0.19 -4.74
N VAL B 154 3.06 -1.06 -4.48
CA VAL B 154 4.32 -1.38 -3.84
C VAL B 154 5.19 -2.09 -4.86
N LYS B 155 6.37 -1.54 -5.12
CA LYS B 155 7.29 -2.14 -6.08
C LYS B 155 8.17 -3.22 -5.48
N ALA B 173 9.52 1.13 -1.98
CA ALA B 173 9.11 2.00 -3.07
C ALA B 173 7.59 2.06 -3.22
N LYS B 174 7.08 3.29 -3.27
CA LYS B 174 5.65 3.55 -3.23
C LYS B 174 5.27 4.46 -4.40
N GLU B 175 4.11 4.19 -5.00
CA GLU B 175 3.45 5.21 -5.80
C GLU B 175 1.96 5.09 -5.55
N SER B 176 1.30 6.23 -5.42
CA SER B 176 -0.11 6.31 -5.05
C SER B 176 -0.97 6.65 -6.27
N CYS B 177 -2.08 5.94 -6.46
CA CYS B 177 -3.08 6.28 -7.47
C CYS B 177 -4.31 6.83 -6.77
N LEU B 178 -4.60 8.11 -6.96
CA LEU B 178 -5.73 8.81 -6.32
C LEU B 178 -7.01 8.64 -7.09
N ILE B 179 -8.11 8.40 -6.38
CA ILE B 179 -9.40 8.18 -7.02
C ILE B 179 -10.36 9.29 -6.63
N GLY B 180 -11.27 9.61 -7.55
CA GLY B 180 -12.29 10.61 -7.31
C GLY B 180 -13.55 10.17 -8.01
N VAL B 181 -14.64 10.91 -7.75
CA VAL B 181 -15.95 10.61 -8.32
C VAL B 181 -16.78 11.87 -8.36
N LYS B 182 -17.55 12.00 -9.44
CA LYS B 182 -18.48 13.09 -9.63
C LYS B 182 -19.84 12.50 -9.95
N GLY B 183 -20.86 13.34 -9.83
CA GLY B 183 -22.19 12.93 -10.21
C GLY B 183 -22.65 11.70 -9.48
N ASP B 184 -23.26 10.80 -10.24
CA ASP B 184 -23.98 9.63 -9.73
C ASP B 184 -23.26 8.37 -10.14
N VAL B 185 -22.79 7.62 -9.14
CA VAL B 185 -22.38 6.24 -9.31
C VAL B 185 -23.37 5.30 -8.68
N ASP B 186 -24.47 5.86 -8.15
CA ASP B 186 -25.58 5.06 -7.63
C ASP B 186 -26.06 4.01 -8.63
N ASN B 187 -25.97 4.30 -9.94
CA ASN B 187 -26.47 3.38 -10.96
C ASN B 187 -25.90 1.97 -10.75
N GLY B 188 -26.64 0.97 -11.24
CA GLY B 188 -26.22 -0.42 -11.08
C GLY B 188 -24.96 -0.79 -11.85
N ARG B 189 -24.58 0.09 -12.75
CA ARG B 189 -23.45 -0.02 -13.63
C ARG B 189 -22.23 -0.35 -12.83
N PHE B 190 -21.97 0.51 -11.88
CA PHE B 190 -20.82 0.41 -10.98
C PHE B 190 -21.07 -0.61 -9.88
N LYS B 191 -19.97 -1.18 -9.39
CA LYS B 191 -20.00 -2.21 -8.35
C LYS B 191 -19.25 -1.68 -7.14
N LYS B 192 -19.96 -1.51 -6.03
CA LYS B 192 -19.40 -0.80 -4.89
C LYS B 192 -18.25 -1.56 -4.24
N ASN B 193 -18.39 -2.86 -4.19
CA ASN B 193 -17.38 -3.69 -3.58
C ASN B 193 -16.14 -3.48 -4.40
N ILE B 194 -15.01 -3.43 -3.71
CA ILE B 194 -13.75 -3.11 -4.36
C ILE B 194 -12.81 -4.27 -4.25
N ALA B 195 -12.07 -4.52 -5.31
CA ALA B 195 -10.95 -5.45 -5.27
C ALA B 195 -10.00 -4.74 -4.33
N SER B 196 -9.16 -5.47 -3.62
CA SER B 196 -8.44 -4.88 -2.52
C SER B 196 -7.65 -3.69 -3.06
N ASP B 197 -7.75 -2.56 -2.38
CA ASP B 197 -7.08 -1.37 -2.87
C ASP B 197 -5.59 -1.59 -3.13
N VAL B 198 -4.88 -2.27 -2.23
CA VAL B 198 -3.45 -2.52 -2.40
C VAL B 198 -3.16 -3.28 -3.69
N ILE B 199 -1.95 -3.11 -4.25
CA ILE B 199 -1.55 -3.71 -5.52
C ILE B 199 -0.04 -3.86 -5.53
N PHE B 200 0.47 -4.83 -6.30
CA PHE B 200 1.88 -5.17 -6.33
C PHE B 200 2.46 -5.15 -7.74
N SER B 201 3.79 -5.12 -7.81
CA SER B 201 4.47 -5.14 -9.10
C SER B 201 4.40 -6.55 -9.70
N GLU B 202 4.04 -6.62 -10.99
CA GLU B 202 4.03 -7.89 -11.70
C GLU B 202 5.44 -8.47 -11.83
N ARG B 203 6.45 -7.61 -11.89
CA ARG B 203 7.85 -7.99 -12.01
C ARG B 203 8.70 -7.22 -11.01
N ARG B 204 9.94 -7.66 -10.82
CA ARG B 204 10.78 -7.01 -9.83
C ARG B 204 11.78 -6.03 -10.41
N GLY B 205 11.81 -4.85 -9.80
CA GLY B 205 12.38 -3.61 -10.33
C GLY B 205 11.71 -3.08 -11.60
N GLN B 206 10.38 -2.97 -11.58
CA GLN B 206 9.55 -2.55 -12.72
C GLN B 206 9.15 -1.07 -12.61
N SER B 207 9.00 -0.41 -13.77
CA SER B 207 8.69 1.02 -13.88
C SER B 207 7.36 1.34 -14.55
N GLN B 208 6.91 0.52 -15.49
CA GLN B 208 5.58 0.68 -16.05
C GLN B 208 4.53 0.36 -15.00
N LYS B 209 3.38 1.00 -15.15
CA LYS B 209 2.27 0.77 -14.23
C LYS B 209 1.76 -0.68 -14.35
N PRO B 210 1.29 -1.28 -13.25
CA PRO B 210 0.89 -2.68 -13.27
C PRO B 210 -0.49 -2.91 -13.86
N GLU B 211 -0.67 -4.10 -14.47
CA GLU B 211 -1.89 -4.40 -15.21
C GLU B 211 -3.10 -4.62 -14.30
N GLU B 212 -2.87 -5.01 -13.04
CA GLU B 212 -3.99 -5.38 -12.19
C GLU B 212 -5.02 -4.26 -12.09
N ILE B 213 -4.55 -3.01 -12.11
CA ILE B 213 -5.46 -1.88 -12.03
C ILE B 213 -6.48 -1.89 -13.17
N TYR B 214 -6.13 -2.48 -14.32
CA TYR B 214 -7.12 -2.54 -15.39
C TYR B 214 -8.19 -3.58 -15.11
N GLN B 215 -7.98 -4.46 -14.15
CA GLN B 215 -9.03 -5.35 -13.69
C GLN B 215 -9.78 -4.81 -12.50
N TYR B 216 -9.12 -4.08 -11.60
CA TYR B 216 -9.86 -3.27 -10.64
C TYR B 216 -10.95 -2.49 -11.37
N ILE B 217 -10.59 -1.76 -12.43
CA ILE B 217 -11.63 -1.13 -13.24
C ILE B 217 -12.63 -2.19 -13.73
N ASN B 218 -12.14 -3.35 -14.17
CA ASN B 218 -13.03 -4.31 -14.83
C ASN B 218 -14.04 -4.86 -13.83
N GLN B 219 -13.63 -5.01 -12.56
CA GLN B 219 -14.58 -5.30 -11.50
C GLN B 219 -15.49 -4.09 -11.24
N LEU B 220 -14.93 -2.89 -11.31
CA LEU B 220 -15.75 -1.70 -11.00
C LEU B 220 -16.70 -1.35 -12.15
N CYS B 221 -16.25 -1.51 -13.40
CA CYS B 221 -17.07 -1.34 -14.60
C CYS B 221 -16.64 -2.42 -15.56
N PRO B 222 -17.50 -3.42 -15.79
CA PRO B 222 -17.19 -4.41 -16.82
C PRO B 222 -17.71 -3.97 -18.16
N ASN B 223 -16.89 -4.05 -19.20
CA ASN B 223 -17.23 -3.53 -20.52
C ASN B 223 -17.85 -2.13 -20.42
N GLY B 224 -17.18 -1.26 -19.70
CA GLY B 224 -17.49 0.16 -19.69
C GLY B 224 -16.46 0.87 -20.54
N ASN B 225 -16.87 1.93 -21.25
CA ASN B 225 -15.89 2.68 -22.01
C ASN B 225 -14.98 3.46 -21.05
N TYR B 226 -13.68 3.44 -21.33
CA TYR B 226 -12.70 4.06 -20.46
C TYR B 226 -11.68 4.86 -21.28
N LEU B 227 -11.26 5.99 -20.73
CA LEU B 227 -10.25 6.85 -21.31
C LEU B 227 -8.95 6.77 -20.54
N GLU B 228 -7.84 6.72 -21.25
CA GLU B 228 -6.53 6.88 -20.62
C GLU B 228 -5.82 8.03 -21.29
N ILE B 229 -5.40 8.99 -20.49
CA ILE B 229 -4.58 10.08 -20.95
C ILE B 229 -3.16 9.84 -20.44
N PHE B 230 -2.18 10.23 -21.28
CA PHE B 230 -0.75 9.93 -21.11
C PHE B 230 -0.48 8.44 -21.22
N ALA B 231 -1.13 7.84 -22.21
CA ALA B 231 -1.09 6.41 -22.37
C ALA B 231 0.22 5.98 -23.01
N ARG B 232 0.45 4.68 -22.97
CA ARG B 232 1.62 4.14 -23.60
C ARG B 232 1.28 2.79 -24.18
N ARG B 233 2.05 2.39 -25.19
CA ARG B 233 1.65 1.25 -26.00
C ARG B 233 1.36 0.03 -25.12
N ASN B 234 2.14 -0.14 -24.04
CA ASN B 234 1.88 -1.18 -23.04
C ASN B 234 0.71 -0.87 -22.11
N ASN B 235 0.13 0.34 -22.20
CA ASN B 235 -1.17 0.65 -21.60
C ASN B 235 -2.31 0.40 -22.53
N LEU B 236 -2.06 -0.18 -23.70
CA LEU B 236 -3.13 -0.44 -24.65
C LEU B 236 -3.85 -1.69 -24.23
N HIS B 237 -5.04 -1.52 -23.67
CA HIS B 237 -5.94 -2.64 -23.43
C HIS B 237 -7.22 -2.33 -24.17
N ASP B 238 -7.96 -3.39 -24.52
CA ASP B 238 -9.18 -3.22 -25.29
C ASP B 238 -10.26 -2.63 -24.40
N ASN B 239 -11.27 -2.01 -25.02
CA ASN B 239 -12.35 -1.25 -24.41
C ASN B 239 -11.88 0.14 -24.00
N TRP B 240 -10.64 0.50 -24.30
CA TRP B 240 -10.00 1.70 -23.76
C TRP B 240 -9.59 2.67 -24.84
N VAL B 241 -10.09 3.88 -24.76
CA VAL B 241 -9.59 4.97 -25.58
C VAL B 241 -8.30 5.47 -24.92
N SER B 242 -7.17 5.35 -25.60
CA SER B 242 -5.87 5.76 -25.07
C SER B 242 -5.29 6.90 -25.89
N ILE B 243 -5.03 8.04 -25.23
CA ILE B 243 -4.44 9.23 -25.85
C ILE B 243 -3.04 9.42 -25.29
N GLY B 244 -2.05 9.51 -26.17
CA GLY B 244 -0.68 9.67 -25.73
C GLY B 244 0.22 10.18 -26.84
N ASN B 245 1.22 10.98 -26.53
CA ASN B 245 2.08 11.42 -27.61
C ASN B 245 2.97 10.32 -28.15
N GLU B 246 3.04 9.20 -27.43
CA GLU B 246 3.97 8.12 -27.71
C GLU B 246 3.27 6.87 -28.21
N LEU B 247 1.99 6.97 -28.50
CA LEU B 247 1.24 5.89 -29.12
C LEU B 247 1.56 5.77 -30.59
N ASP C 1 -27.65 -25.30 27.98
CA ASP C 1 -28.49 -24.78 26.88
C ASP C 1 -29.90 -25.40 26.79
N ASP C 2 -30.93 -24.64 27.16
CA ASP C 2 -32.24 -25.23 26.97
C ASP C 2 -32.45 -25.60 25.51
N TYR C 3 -32.29 -24.66 24.57
CA TYR C 3 -32.44 -25.02 23.16
C TYR C 3 -31.13 -25.15 22.36
N LEU C 4 -30.01 -24.55 22.76
CA LEU C 4 -28.76 -24.86 22.07
C LEU C 4 -28.32 -26.30 22.38
N ASP C 5 -28.70 -26.82 23.56
CA ASP C 5 -28.35 -28.16 24.06
C ASP C 5 -26.86 -28.54 23.82
N ARG C 6 -25.94 -27.57 23.86
CA ARG C 6 -24.54 -27.88 23.59
C ARG C 6 -23.89 -28.67 24.72
N LEU C 7 -24.48 -28.66 25.89
CA LEU C 7 -23.98 -29.51 26.96
C LEU C 7 -24.60 -30.89 26.81
N PRO C 8 -24.07 -31.90 27.50
CA PRO C 8 -24.75 -33.19 27.48
C PRO C 8 -25.92 -33.22 28.47
N LYS C 9 -26.88 -34.09 28.17
CA LYS C 9 -27.95 -34.40 29.12
C LYS C 9 -27.72 -35.70 29.89
N SER C 10 -26.88 -36.60 29.38
CA SER C 10 -26.43 -37.76 30.15
C SER C 10 -25.95 -37.32 31.53
N LYS C 11 -26.65 -37.74 32.58
CA LYS C 11 -26.08 -37.55 33.92
C LYS C 11 -24.65 -38.04 33.95
N LYS C 12 -24.40 -39.23 33.38
CA LYS C 12 -23.04 -39.72 33.16
C LYS C 12 -22.15 -38.67 32.49
N GLY C 13 -22.74 -37.85 31.62
CA GLY C 13 -21.94 -36.88 30.89
C GLY C 13 -21.89 -35.53 31.57
N LEU C 14 -22.97 -35.15 32.26
CA LEU C 14 -22.87 -34.01 33.15
C LEU C 14 -21.86 -34.27 34.26
N GLN C 15 -21.90 -35.43 34.91
CA GLN C 15 -20.94 -35.65 35.99
C GLN C 15 -19.51 -35.57 35.48
N GLY C 16 -19.22 -36.27 34.37
CA GLY C 16 -17.89 -36.20 33.79
C GLY C 16 -17.45 -34.79 33.45
N LEU C 17 -18.37 -33.95 32.97
CA LEU C 17 -18.02 -32.56 32.66
C LEU C 17 -17.63 -31.82 33.92
N LEU C 18 -18.45 -31.93 34.96
CA LEU C 18 -18.12 -31.38 36.26
C LEU C 18 -16.76 -31.84 36.71
N GLN C 19 -16.50 -33.14 36.67
CA GLN C 19 -15.18 -33.61 37.01
C GLN C 19 -14.15 -32.89 36.17
N ASP C 20 -14.42 -32.76 34.86
CA ASP C 20 -13.50 -32.05 33.95
C ASP C 20 -13.40 -30.57 34.27
N ILE C 21 -14.46 -29.96 34.77
CA ILE C 21 -14.41 -28.54 35.11
C ILE C 21 -13.68 -28.32 36.41
N GLU C 22 -13.95 -29.12 37.44
CA GLU C 22 -13.25 -28.84 38.69
C GLU C 22 -11.77 -29.14 38.55
N LYS C 23 -11.39 -30.09 37.69
CA LYS C 23 -9.97 -30.30 37.45
C LYS C 23 -9.34 -29.03 36.87
N ARG C 24 -10.08 -28.29 36.02
CA ARG C 24 -9.56 -27.16 35.27
C ARG C 24 -9.53 -25.88 36.10
N ILE C 25 -10.49 -25.75 37.00
CA ILE C 25 -10.47 -24.66 37.98
C ILE C 25 -9.23 -24.76 38.83
N LEU C 26 -8.94 -25.96 39.35
CA LEU C 26 -7.69 -26.13 40.07
C LEU C 26 -6.51 -25.68 39.23
N HIS C 27 -6.56 -25.87 37.90
CA HIS C 27 -5.41 -25.51 37.07
C HIS C 27 -5.19 -24.01 37.03
N TYR C 28 -6.25 -23.25 36.70
CA TYR C 28 -6.15 -21.81 36.59
C TYR C 28 -6.14 -21.14 37.96
N LYS C 29 -6.74 -21.78 38.96
CA LYS C 29 -6.66 -21.25 40.31
C LYS C 29 -5.21 -21.05 40.70
N GLN C 30 -4.38 -22.05 40.42
CA GLN C 30 -2.96 -21.93 40.72
C GLN C 30 -2.27 -20.94 39.78
N LEU C 31 -2.53 -21.04 38.47
CA LEU C 31 -2.03 -20.05 37.54
C LEU C 31 -2.45 -18.63 37.96
N PHE C 32 -3.62 -18.49 38.60
CA PHE C 32 -4.08 -17.17 39.01
C PHE C 32 -3.37 -16.67 40.25
N PHE C 33 -3.17 -17.56 41.23
CA PHE C 33 -2.38 -17.23 42.40
C PHE C 33 -0.95 -16.89 42.01
N LYS C 34 -0.33 -17.73 41.16
CA LYS C 34 1.01 -17.43 40.66
C LYS C 34 1.03 -16.05 40.00
N GLU C 35 0.11 -15.80 39.07
CA GLU C 35 0.06 -14.47 38.43
C GLU C 35 -0.08 -13.36 39.45
N GLN C 36 -0.96 -13.54 40.44
CA GLN C 36 -1.20 -12.49 41.42
C GLN C 36 -0.07 -12.37 42.42
N ASN C 37 0.46 -13.50 42.90
CA ASN C 37 1.59 -13.44 43.82
C ASN C 37 2.84 -12.91 43.12
N GLU C 38 3.11 -13.32 41.87
CA GLU C 38 4.26 -12.77 41.16
C GLU C 38 4.15 -11.26 41.04
N ILE C 39 2.93 -10.74 40.91
CA ILE C 39 2.72 -9.31 40.89
C ILE C 39 3.07 -8.70 42.24
N ALA C 40 2.65 -9.37 43.32
CA ALA C 40 2.94 -8.88 44.66
C ALA C 40 4.44 -8.68 44.87
N ASN C 41 5.27 -9.64 44.43
CA ASN C 41 6.72 -9.48 44.51
C ASN C 41 7.18 -8.24 43.73
N GLY C 42 6.46 -7.87 42.67
CA GLY C 42 6.97 -6.89 41.73
C GLY C 42 7.51 -7.57 40.48
N LYS C 43 6.71 -7.59 39.44
CA LYS C 43 7.08 -8.19 38.17
C LYS C 43 7.10 -7.07 37.16
N ARG C 44 8.14 -7.02 36.35
CA ARG C 44 8.24 -5.92 35.41
C ARG C 44 7.14 -6.02 34.36
N SER C 45 6.42 -4.91 34.18
CA SER C 45 5.41 -4.78 33.14
C SER C 45 6.07 -4.80 31.77
N MET C 46 5.24 -4.89 30.72
CA MET C 46 5.74 -4.76 29.36
C MET C 46 5.83 -3.31 28.90
N VAL C 47 5.30 -2.39 29.70
CA VAL C 47 5.47 -0.96 29.46
C VAL C 47 6.89 -0.56 29.85
N PRO C 48 7.59 0.17 29.01
CA PRO C 48 8.91 0.67 29.41
C PRO C 48 8.76 1.76 30.44
N ASP C 49 9.79 1.89 31.28
CA ASP C 49 9.69 2.64 32.52
C ASP C 49 9.65 4.14 32.32
N ASN C 50 9.90 4.63 31.12
CA ASN C 50 9.80 6.05 30.86
C ASN C 50 8.57 6.39 30.03
N SER C 51 7.58 5.51 29.99
CA SER C 51 6.38 5.87 29.23
C SER C 51 5.49 6.75 30.09
N ILE C 52 4.71 7.59 29.43
CA ILE C 52 3.86 8.49 30.18
C ILE C 52 2.40 8.26 29.82
N PRO C 53 1.77 7.20 30.30
CA PRO C 53 0.39 6.92 29.90
C PRO C 53 -0.64 7.70 30.73
N ILE C 54 -1.70 8.14 30.07
CA ILE C 54 -2.73 9.01 30.64
C ILE C 54 -4.12 8.48 30.24
N CYS C 55 -4.79 7.75 31.15
CA CYS C 55 -6.08 7.12 30.81
C CYS C 55 -7.20 8.13 30.98
N SER C 56 -7.20 9.08 30.07
CA SER C 56 -8.17 10.18 30.01
C SER C 56 -9.02 10.09 28.74
N ASP C 57 -10.33 10.21 28.90
CA ASP C 57 -11.20 10.54 27.79
C ASP C 57 -10.74 11.86 27.17
N VAL C 58 -10.60 11.87 25.84
CA VAL C 58 -9.95 13.00 25.15
C VAL C 58 -10.89 14.19 25.05
N THR C 59 -12.19 13.94 25.04
CA THR C 59 -13.15 15.03 25.06
C THR C 59 -13.09 15.75 26.40
N LYS C 60 -13.02 14.99 27.50
CA LYS C 60 -13.00 15.58 28.83
C LYS C 60 -11.68 16.29 29.14
N LEU C 61 -10.58 15.70 28.77
CA LEU C 61 -9.29 16.18 29.24
C LEU C 61 -8.99 17.62 28.98
N ASN C 62 -8.35 18.27 29.95
CA ASN C 62 -7.85 19.63 29.79
C ASN C 62 -6.39 19.57 29.38
N PHE C 63 -6.12 19.84 28.09
CA PHE C 63 -4.74 19.95 27.64
C PHE C 63 -4.06 21.11 28.34
N GLN C 64 -4.79 22.21 28.55
CA GLN C 64 -4.18 23.30 29.30
C GLN C 64 -3.49 22.77 30.55
N ALA C 65 -4.10 21.79 31.20
CA ALA C 65 -3.42 21.12 32.32
C ALA C 65 -2.13 20.46 31.88
N LEU C 66 -2.12 19.85 30.69
CA LEU C 66 -0.94 19.13 30.20
C LEU C 66 0.15 20.08 29.71
N ILE C 67 -0.23 21.06 28.88
CA ILE C 67 0.76 21.99 28.34
C ILE C 67 1.53 22.64 29.48
N ASP C 68 0.81 23.24 30.44
CA ASP C 68 1.44 23.93 31.57
C ASP C 68 2.40 23.02 32.31
N ALA C 69 2.02 21.77 32.51
CA ALA C 69 2.94 20.80 33.08
C ALA C 69 4.02 20.39 32.10
N GLN C 70 3.68 20.34 30.80
CA GLN C 70 4.68 19.96 29.81
C GLN C 70 5.78 20.98 29.71
N MET C 71 5.40 22.25 29.56
CA MET C 71 6.39 23.31 29.39
C MET C 71 7.39 23.32 30.54
N ARG C 72 6.93 23.29 31.79
CA ARG C 72 7.87 23.40 32.90
C ARG C 72 8.80 22.19 32.99
N HIS C 73 8.33 21.00 32.61
CA HIS C 73 9.14 19.81 32.81
C HIS C 73 10.13 19.58 31.67
N ALA C 74 9.76 19.94 30.45
CA ALA C 74 10.64 19.77 29.32
C ALA C 74 11.17 21.08 28.76
N GLY C 75 10.64 22.21 29.21
CA GLY C 75 11.04 23.50 28.70
C GLY C 75 10.67 23.77 27.25
N LYS C 76 9.84 22.94 26.64
CA LYS C 76 9.63 23.04 25.19
C LYS C 76 8.50 22.11 24.78
N MET C 77 7.72 22.53 23.79
CA MET C 77 6.59 21.70 23.42
C MET C 77 7.06 20.42 22.73
N PHE C 78 6.10 19.67 22.16
CA PHE C 78 6.40 18.39 21.56
C PHE C 78 7.03 18.56 20.19
N ASP C 79 7.88 17.61 19.84
CA ASP C 79 8.51 17.63 18.54
C ASP C 79 7.75 16.80 17.53
N VAL C 80 7.05 15.76 18.00
CA VAL C 80 6.34 14.86 17.10
C VAL C 80 5.05 14.39 17.75
N ILE C 81 3.95 14.60 17.04
CA ILE C 81 2.62 14.26 17.51
C ILE C 81 2.03 13.26 16.52
N MET C 82 1.70 12.07 17.00
CA MET C 82 1.04 11.00 16.26
C MET C 82 -0.38 10.79 16.80
N MET C 83 -1.20 10.17 15.97
CA MET C 83 -2.63 10.17 16.19
C MET C 83 -3.20 8.96 15.48
N ASP C 84 -4.09 8.21 16.12
CA ASP C 84 -4.83 7.18 15.41
C ASP C 84 -6.33 7.26 15.71
N PRO C 85 -6.99 8.30 15.20
CA PRO C 85 -8.31 8.62 15.73
C PRO C 85 -9.35 7.59 15.32
N PRO C 86 -10.41 7.41 16.16
CA PRO C 86 -11.55 6.56 15.76
C PRO C 86 -12.66 7.32 15.06
N TRP C 87 -12.86 7.00 13.79
CA TRP C 87 -13.72 7.77 12.92
C TRP C 87 -15.18 7.31 13.05
N GLN C 88 -16.10 8.16 12.57
CA GLN C 88 -17.52 7.83 12.52
C GLN C 88 -17.94 7.39 11.11
N ASP C 103 -16.82 5.55 20.47
CA ASP C 103 -15.85 5.32 19.41
C ASP C 103 -16.04 6.32 18.29
N SER C 104 -17.29 6.59 17.92
CA SER C 104 -17.52 7.54 16.85
C SER C 104 -17.01 8.85 17.38
N LEU C 105 -16.15 9.51 16.62
CA LEU C 105 -15.66 10.79 17.05
C LEU C 105 -15.98 11.90 16.07
N SER C 106 -16.60 11.55 14.96
CA SER C 106 -17.28 12.51 14.13
C SER C 106 -16.31 13.41 13.39
N ASP C 107 -15.04 13.05 13.39
CA ASP C 107 -14.06 13.77 12.59
C ASP C 107 -13.95 15.16 13.20
N GLU C 108 -15.08 15.83 13.20
CA GLU C 108 -15.23 17.21 13.61
C GLU C 108 -14.87 17.39 15.07
N LYS C 109 -15.23 16.44 15.90
CA LYS C 109 -14.92 16.53 17.32
C LYS C 109 -13.43 16.46 17.56
N ILE C 110 -12.69 16.16 16.51
CA ILE C 110 -11.24 16.10 16.56
C ILE C 110 -10.60 17.41 16.10
N GLN C 111 -11.03 17.92 14.93
CA GLN C 111 -10.61 19.23 14.44
C GLN C 111 -10.52 20.25 15.57
N ASN C 112 -11.36 20.11 16.60
CA ASN C 112 -11.43 21.06 17.71
C ASN C 112 -10.45 20.75 18.85
N MET C 113 -9.61 19.74 18.68
CA MET C 113 -8.44 19.62 19.51
C MET C 113 -7.53 20.81 19.26
N PRO C 114 -7.00 21.40 20.34
CA PRO C 114 -5.99 22.51 20.14
C PRO C 114 -4.60 21.97 19.89
N ILE C 115 -4.42 21.37 18.72
CA ILE C 115 -3.12 20.83 18.39
C ILE C 115 -2.07 21.93 18.29
N GLN C 116 -2.45 23.08 17.72
CA GLN C 116 -1.52 24.20 17.61
C GLN C 116 -0.93 24.58 18.97
N SER C 117 -1.71 24.43 20.04
CA SER C 117 -1.14 24.68 21.37
C SER C 117 -0.14 23.61 21.76
N LEU C 118 -0.16 22.47 21.07
CA LEU C 118 0.53 21.28 21.57
C LEU C 118 1.92 21.12 20.97
N GLN C 119 2.16 21.71 19.80
CA GLN C 119 3.47 21.66 19.17
C GLN C 119 3.64 22.81 18.20
N GLN C 120 4.76 23.50 18.36
CA GLN C 120 5.05 24.71 17.61
C GLN C 120 5.96 24.42 16.42
N ASP C 121 7.11 23.82 16.68
CA ASP C 121 7.97 23.37 15.61
C ASP C 121 8.12 21.87 15.70
N GLY C 122 7.80 21.18 14.61
CA GLY C 122 7.94 19.74 14.55
C GLY C 122 6.98 19.13 13.55
N PHE C 123 6.81 17.80 13.69
CA PHE C 123 6.09 16.95 12.77
C PHE C 123 4.81 16.43 13.41
N ILE C 124 3.91 15.92 12.55
CA ILE C 124 2.64 15.32 12.98
C ILE C 124 2.27 14.18 12.03
N PHE C 125 1.90 13.04 12.62
CA PHE C 125 1.54 11.81 11.91
C PHE C 125 0.10 11.45 12.23
N VAL C 126 -0.77 11.41 11.22
CA VAL C 126 -2.18 11.11 11.43
C VAL C 126 -2.56 9.92 10.58
N TRP C 127 -3.15 8.91 11.23
CA TRP C 127 -3.48 7.66 10.58
C TRP C 127 -4.89 7.72 10.02
N ALA C 128 -5.00 7.41 8.74
CA ALA C 128 -6.25 7.54 8.00
C ALA C 128 -6.57 6.25 7.26
N ILE C 129 -7.79 5.77 7.45
CA ILE C 129 -8.41 4.73 6.61
C ILE C 129 -8.82 5.35 5.30
N ASN C 130 -9.20 4.51 4.33
CA ASN C 130 -9.42 4.98 2.97
C ASN C 130 -10.61 5.94 2.86
N ALA C 131 -11.64 5.74 3.68
CA ALA C 131 -12.78 6.65 3.66
C ALA C 131 -12.38 8.07 4.05
N LYS C 132 -11.49 8.23 5.03
CA LYS C 132 -11.28 9.53 5.67
C LYS C 132 -9.97 10.22 5.28
N TYR C 133 -9.34 9.84 4.15
CA TYR C 133 -8.19 10.58 3.63
C TYR C 133 -8.49 12.07 3.55
N ARG C 134 -9.54 12.44 2.81
CA ARG C 134 -9.74 13.85 2.51
C ARG C 134 -9.96 14.70 3.75
N VAL C 135 -10.75 14.21 4.71
CA VAL C 135 -11.04 15.02 5.89
C VAL C 135 -9.76 15.29 6.67
N THR C 136 -8.80 14.36 6.67
CA THR C 136 -7.54 14.55 7.39
C THR C 136 -6.75 15.75 6.87
N ILE C 137 -6.68 15.88 5.55
CA ILE C 137 -5.88 16.93 4.93
C ILE C 137 -6.32 18.31 5.45
N LYS C 138 -7.63 18.63 5.34
CA LYS C 138 -8.08 19.92 5.84
C LYS C 138 -8.06 19.99 7.36
N MET C 139 -7.93 18.84 8.02
CA MET C 139 -7.77 18.78 9.47
C MET C 139 -6.41 19.23 9.90
N ILE C 140 -5.38 18.84 9.15
CA ILE C 140 -4.04 19.22 9.57
C ILE C 140 -3.60 20.50 8.88
N GLU C 141 -4.14 20.83 7.71
CA GLU C 141 -3.80 22.13 7.16
C GLU C 141 -4.54 23.25 7.86
N ASN C 142 -5.64 22.94 8.55
CA ASN C 142 -6.23 23.94 9.41
C ASN C 142 -5.50 24.07 10.73
N TRP C 143 -4.61 23.12 11.01
CA TRP C 143 -3.75 23.17 12.19
C TRP C 143 -2.38 23.79 11.90
N GLY C 144 -2.27 24.56 10.81
CA GLY C 144 -1.01 25.21 10.51
C GLY C 144 0.11 24.28 10.08
N TYR C 145 -0.23 23.05 9.71
CA TYR C 145 0.71 22.12 9.10
C TYR C 145 0.67 22.22 7.59
N LYS C 146 1.83 21.98 7.00
CA LYS C 146 1.98 21.83 5.56
C LYS C 146 2.22 20.34 5.29
N LEU C 147 1.38 19.74 4.42
CA LEU C 147 1.47 18.31 4.11
C LEU C 147 2.71 18.01 3.28
N VAL C 148 3.58 17.14 3.79
CA VAL C 148 4.93 17.00 3.25
C VAL C 148 5.28 15.58 2.82
N ASP C 149 4.64 14.54 3.35
CA ASP C 149 5.01 13.17 3.07
C ASP C 149 3.86 12.28 3.52
N GLU C 150 3.96 11.00 3.18
CA GLU C 150 2.99 10.00 3.59
C GLU C 150 3.72 8.66 3.69
N ILE C 151 3.35 7.90 4.70
CA ILE C 151 3.96 6.60 4.95
C ILE C 151 2.82 5.60 4.97
N THR C 152 2.97 4.53 4.21
CA THR C 152 1.87 3.62 3.96
C THR C 152 2.16 2.29 4.66
N TRP C 153 1.15 1.79 5.36
CA TRP C 153 1.20 0.52 6.05
C TRP C 153 0.20 -0.45 5.43
N VAL C 154 0.69 -1.66 5.16
CA VAL C 154 -0.10 -2.73 4.57
C VAL C 154 0.07 -4.00 5.40
N LYS C 155 -1.04 -4.71 5.56
CA LYS C 155 -1.14 -5.83 6.48
C LYS C 155 -0.90 -7.16 5.75
N ALA C 173 -6.99 -3.46 2.30
CA ALA C 173 -6.07 -3.95 3.33
C ALA C 173 -4.88 -3.04 3.50
N LYS C 174 -5.15 -1.81 3.94
CA LYS C 174 -4.11 -0.81 3.95
C LYS C 174 -4.51 0.30 4.89
N GLU C 175 -3.50 0.96 5.46
CA GLU C 175 -3.67 2.16 6.25
C GLU C 175 -2.56 3.13 5.89
N SER C 176 -2.89 4.41 5.87
CA SER C 176 -1.89 5.40 5.55
C SER C 176 -1.63 6.31 6.74
N CYS C 177 -0.47 6.95 6.67
CA CYS C 177 0.01 7.87 7.70
C CYS C 177 0.31 9.19 7.05
N LEU C 178 -0.63 10.13 7.03
CA LEU C 178 -0.25 11.42 6.48
C LEU C 178 0.78 12.06 7.41
N ILE C 179 1.64 12.91 6.86
CA ILE C 179 2.66 13.61 7.64
C ILE C 179 2.57 15.11 7.36
N GLY C 180 2.75 15.92 8.42
CA GLY C 180 2.77 17.35 8.29
C GLY C 180 3.87 17.96 9.13
N VAL C 181 4.16 19.23 8.86
CA VAL C 181 5.28 19.91 9.49
C VAL C 181 4.97 21.40 9.59
N LYS C 182 5.55 22.05 10.59
CA LYS C 182 5.29 23.46 10.84
C LYS C 182 6.48 24.09 11.54
N GLY C 183 6.78 25.32 11.16
CA GLY C 183 7.77 26.09 11.88
C GLY C 183 9.16 25.62 11.57
N ASP C 184 10.11 26.13 12.35
CA ASP C 184 11.50 25.86 12.05
C ASP C 184 11.81 24.40 12.35
N VAL C 185 12.34 23.69 11.34
CA VAL C 185 12.53 22.26 11.44
C VAL C 185 13.99 21.89 11.18
N ASP C 186 14.76 22.87 10.72
CA ASP C 186 16.17 22.66 10.36
C ASP C 186 17.11 23.07 11.47
N ASN C 187 16.70 22.92 12.73
CA ASN C 187 17.50 23.38 13.87
C ASN C 187 18.43 22.31 14.41
N GLY C 188 18.93 21.42 13.55
CA GLY C 188 19.68 20.25 14.01
C GLY C 188 18.87 19.21 14.76
N ARG C 189 17.69 19.57 15.30
CA ARG C 189 16.90 18.65 16.11
C ARG C 189 16.42 17.47 15.28
N PHE C 190 15.96 17.72 14.06
CA PHE C 190 15.37 16.70 13.22
C PHE C 190 16.37 16.25 12.16
N LYS C 191 16.41 14.94 11.92
CA LYS C 191 17.37 14.34 10.98
C LYS C 191 16.81 14.30 9.56
N LYS C 192 17.64 14.71 8.61
CA LYS C 192 17.21 14.93 7.23
C LYS C 192 16.96 13.61 6.49
N ASN C 193 17.83 12.61 6.73
CA ASN C 193 17.94 11.41 5.91
C ASN C 193 17.26 10.21 6.56
N ILE C 194 16.33 9.62 5.81
CA ILE C 194 15.41 8.61 6.32
C ILE C 194 15.03 7.70 5.16
N ALA C 195 14.87 6.41 5.45
CA ALA C 195 14.28 5.47 4.51
C ALA C 195 12.89 5.17 5.05
N SER C 196 11.87 5.55 4.31
CA SER C 196 10.57 5.73 4.93
C SER C 196 9.45 4.93 4.28
N ASP C 197 9.33 4.98 2.97
CA ASP C 197 7.99 5.11 2.41
C ASP C 197 7.08 3.91 2.74
N VAL C 198 7.62 2.69 2.73
CA VAL C 198 6.81 1.47 2.90
C VAL C 198 7.29 0.66 4.09
N ILE C 199 6.34 0.25 4.93
CA ILE C 199 6.55 -0.65 6.05
C ILE C 199 5.46 -1.69 6.03
N PHE C 200 5.82 -2.91 6.44
CA PHE C 200 4.95 -4.07 6.46
C PHE C 200 4.79 -4.68 7.85
N SER C 201 5.60 -4.23 8.81
CA SER C 201 5.61 -4.71 10.19
C SER C 201 4.22 -4.88 10.77
N GLU C 202 4.07 -5.77 11.76
CA GLU C 202 5.18 -6.56 12.33
C GLU C 202 4.91 -8.07 12.24
N ARG C 203 3.66 -8.41 11.93
CA ARG C 203 3.15 -9.78 11.90
C ARG C 203 1.83 -9.77 11.13
N ARG C 204 1.47 -10.94 10.60
CA ARG C 204 0.23 -11.09 9.86
C ARG C 204 -0.96 -11.23 10.80
N GLY C 205 -2.09 -10.65 10.38
CA GLY C 205 -3.34 -10.73 11.12
C GLY C 205 -3.42 -9.90 12.38
N GLN C 206 -2.92 -8.66 12.35
CA GLN C 206 -2.89 -7.77 13.50
C GLN C 206 -3.68 -6.49 13.21
N SER C 207 -4.13 -5.81 14.28
CA SER C 207 -5.03 -4.66 14.17
C SER C 207 -4.49 -3.36 14.76
N GLN C 208 -3.46 -3.41 15.59
CA GLN C 208 -2.79 -2.26 16.16
C GLN C 208 -1.74 -1.72 15.18
N LYS C 209 -1.24 -0.53 15.47
CA LYS C 209 -0.28 0.05 14.57
C LYS C 209 1.10 -0.57 14.75
N PRO C 210 1.91 -0.57 13.70
CA PRO C 210 3.17 -1.33 13.72
C PRO C 210 4.24 -0.63 14.53
N GLU C 211 5.34 -1.35 14.70
CA GLU C 211 6.48 -0.87 15.46
C GLU C 211 7.39 0.03 14.64
N GLU C 212 7.45 -0.17 13.33
CA GLU C 212 8.28 0.68 12.48
C GLU C 212 8.06 2.16 12.78
N ILE C 213 6.80 2.59 12.84
CA ILE C 213 6.56 4.03 12.88
C ILE C 213 7.09 4.65 14.15
N TYR C 214 7.34 3.85 15.19
CA TYR C 214 8.00 4.34 16.38
C TYR C 214 9.51 4.39 16.21
N GLN C 215 10.06 3.57 15.31
CA GLN C 215 11.48 3.59 14.99
C GLN C 215 11.85 4.65 13.96
N TYR C 216 11.03 4.81 12.90
CA TYR C 216 11.24 5.92 11.99
C TYR C 216 11.13 7.25 12.72
N ILE C 217 10.26 7.32 13.73
CA ILE C 217 10.17 8.55 14.51
C ILE C 217 11.39 8.71 15.40
N ASN C 218 12.07 7.62 15.74
CA ASN C 218 13.36 7.78 16.43
C ASN C 218 14.47 8.19 15.48
N GLN C 219 14.39 7.75 14.22
CA GLN C 219 15.34 8.21 13.21
C GLN C 219 15.13 9.67 12.87
N LEU C 220 13.89 10.17 13.00
CA LEU C 220 13.58 11.54 12.63
C LEU C 220 13.96 12.52 13.73
N CYS C 221 13.51 12.26 14.95
CA CYS C 221 13.72 13.16 16.08
C CYS C 221 14.16 12.32 17.27
N PRO C 222 15.46 11.97 17.36
CA PRO C 222 15.92 11.15 18.49
C PRO C 222 15.98 11.97 19.77
N ASN C 223 15.56 11.35 20.88
CA ASN C 223 15.57 12.01 22.18
C ASN C 223 14.65 13.20 22.19
N GLY C 224 13.61 13.14 21.38
CA GLY C 224 12.64 14.20 21.29
C GLY C 224 11.54 14.07 22.33
N ASN C 225 10.62 15.02 22.27
CA ASN C 225 9.40 15.01 23.05
C ASN C 225 8.27 14.63 22.11
N TYR C 226 7.57 13.55 22.43
CA TYR C 226 6.50 13.05 21.58
C TYR C 226 5.20 12.93 22.36
N LEU C 227 4.09 13.00 21.62
CA LEU C 227 2.76 12.81 22.19
C LEU C 227 1.90 12.08 21.18
N GLU C 228 1.37 10.92 21.54
CA GLU C 228 0.45 10.16 20.69
C GLU C 228 -0.94 10.19 21.30
N ILE C 229 -1.90 10.72 20.56
CA ILE C 229 -3.28 10.67 20.99
C ILE C 229 -3.98 9.45 20.40
N PHE C 230 -5.11 9.11 21.03
CA PHE C 230 -5.84 7.89 20.75
C PHE C 230 -4.91 6.70 20.74
N ALA C 231 -3.96 6.71 21.68
CA ALA C 231 -3.04 5.61 21.83
C ALA C 231 -3.67 4.53 22.70
N ARG C 232 -2.96 3.43 22.84
CA ARG C 232 -3.56 2.27 23.48
C ARG C 232 -2.53 1.70 24.42
N ARG C 233 -3.01 0.89 25.37
CA ARG C 233 -2.08 0.22 26.27
C ARG C 233 -0.96 -0.44 25.50
N ASN C 234 -1.29 -0.93 24.31
CA ASN C 234 -0.37 -1.68 23.46
C ASN C 234 0.84 -0.91 22.94
N ASN C 235 0.61 0.31 22.48
CA ASN C 235 1.61 1.05 21.72
C ASN C 235 2.03 2.29 22.51
N LEU C 236 3.00 2.09 23.40
CA LEU C 236 3.55 3.18 24.19
C LEU C 236 5.01 2.87 24.48
N HIS C 237 5.86 3.87 24.27
CA HIS C 237 7.30 3.74 24.37
C HIS C 237 7.80 4.82 25.35
N ASP C 238 9.08 4.73 25.77
CA ASP C 238 9.71 5.79 26.58
C ASP C 238 9.75 7.12 25.82
N ASN C 239 9.58 8.21 26.57
CA ASN C 239 9.56 9.63 26.16
C ASN C 239 8.28 10.01 25.42
N TRP C 240 7.34 9.07 25.31
CA TRP C 240 6.08 9.23 24.59
C TRP C 240 4.93 9.47 25.55
N VAL C 241 4.32 10.64 25.45
CA VAL C 241 3.12 10.94 26.23
C VAL C 241 1.91 10.36 25.50
N SER C 242 1.44 9.20 25.97
CA SER C 242 0.33 8.47 25.37
C SER C 242 -0.98 8.84 26.06
N ILE C 243 -2.05 9.02 25.26
CA ILE C 243 -3.36 9.47 25.75
C ILE C 243 -4.46 8.58 25.14
N GLY C 244 -5.34 8.03 25.98
CA GLY C 244 -6.41 7.16 25.49
C GLY C 244 -7.22 6.54 26.62
N ASN C 245 -8.50 6.29 26.33
CA ASN C 245 -9.40 5.75 27.35
C ASN C 245 -9.22 4.27 27.59
N GLU C 246 -8.24 3.63 26.95
CA GLU C 246 -7.98 2.24 27.23
C GLU C 246 -6.62 2.02 27.86
N LEU C 247 -5.96 3.08 28.28
CA LEU C 247 -4.64 3.02 28.91
C LEU C 247 -4.72 2.75 30.41
N ALA D 147 -30.93 -18.20 30.25
CA ALA D 147 -31.12 -19.54 30.79
C ALA D 147 -30.54 -20.59 29.86
N PRO D 148 -29.82 -20.15 28.84
CA PRO D 148 -29.23 -21.04 27.86
C PRO D 148 -27.71 -20.92 27.91
N GLN D 149 -27.03 -22.05 27.72
CA GLN D 149 -25.58 -22.05 27.74
C GLN D 149 -25.07 -21.96 26.32
N TYR D 150 -24.32 -20.90 26.02
CA TYR D 150 -23.88 -20.65 24.67
C TYR D 150 -22.46 -21.16 24.45
N MET D 151 -21.83 -21.67 25.50
CA MET D 151 -20.43 -22.05 25.41
C MET D 151 -20.13 -23.35 26.12
N THR D 152 -19.58 -24.31 25.39
CA THR D 152 -19.10 -25.55 25.97
C THR D 152 -17.73 -25.27 26.54
N LEU D 153 -17.18 -26.19 27.31
CA LEU D 153 -15.89 -25.95 27.92
C LEU D 153 -14.73 -25.74 26.94
N GLU D 154 -14.60 -26.59 25.93
CA GLU D 154 -13.61 -26.39 24.89
C GLU D 154 -13.70 -24.98 24.32
N ASP D 155 -14.92 -24.48 24.06
CA ASP D 155 -15.04 -23.11 23.58
C ASP D 155 -14.43 -22.14 24.57
N ILE D 156 -14.67 -22.34 25.88
CA ILE D 156 -14.22 -21.40 26.92
C ILE D 156 -12.71 -21.33 26.98
N GLU D 157 -12.03 -22.46 26.81
CA GLU D 157 -10.57 -22.45 26.78
C GLU D 157 -10.05 -21.72 25.57
N ASN D 158 -10.71 -21.91 24.44
CA ASN D 158 -10.22 -21.35 23.18
C ASN D 158 -10.19 -19.84 23.23
N GLU D 159 -11.23 -19.21 23.77
CA GLU D 159 -11.17 -17.78 24.00
C GLU D 159 -9.90 -17.39 24.73
N LYS D 160 -9.43 -16.17 24.45
CA LYS D 160 -8.25 -15.60 25.10
C LYS D 160 -8.64 -14.92 26.41
N PHE D 161 -9.02 -15.76 27.38
CA PHE D 161 -9.42 -15.30 28.70
C PHE D 161 -8.20 -15.16 29.62
N THR D 162 -8.27 -14.16 30.52
CA THR D 162 -7.32 -14.04 31.62
C THR D 162 -7.62 -15.05 32.71
N ASN D 163 -6.60 -15.37 33.51
CA ASN D 163 -6.77 -16.30 34.61
C ASN D 163 -8.06 -16.04 35.38
N LEU D 164 -8.43 -14.78 35.54
CA LEU D 164 -9.68 -14.46 36.24
C LEU D 164 -10.89 -14.68 35.34
N GLU D 165 -10.77 -14.33 34.05
CA GLU D 165 -11.95 -14.41 33.19
C GLU D 165 -12.37 -15.87 33.01
N ILE D 166 -11.43 -16.74 32.66
CA ILE D 166 -11.78 -18.14 32.47
C ILE D 166 -12.17 -18.78 33.79
N LEU D 167 -11.59 -18.37 34.91
CA LEU D 167 -12.11 -18.92 36.15
C LEU D 167 -13.55 -18.50 36.36
N THR D 168 -13.97 -17.34 35.85
CA THR D 168 -15.35 -16.95 36.09
C THR D 168 -16.30 -17.72 35.21
N HIS D 169 -15.90 -18.01 33.97
CA HIS D 169 -16.75 -18.85 33.14
C HIS D 169 -16.76 -20.29 33.64
N LEU D 170 -15.61 -20.77 34.13
CA LEU D 170 -15.56 -22.12 34.67
C LEU D 170 -16.42 -22.22 35.94
N TYR D 171 -16.41 -21.18 36.79
CA TYR D 171 -17.27 -21.20 37.97
C TYR D 171 -18.73 -21.25 37.59
N ASN D 172 -19.11 -20.55 36.52
CA ASN D 172 -20.52 -20.48 36.15
C ASN D 172 -20.98 -21.74 35.47
N LEU D 173 -20.22 -22.25 34.51
CA LEU D 173 -20.51 -23.58 34.04
C LEU D 173 -20.75 -24.53 35.21
N LYS D 174 -19.85 -24.52 36.20
CA LYS D 174 -20.01 -25.43 37.32
C LYS D 174 -21.33 -25.21 38.03
N ALA D 175 -21.77 -23.97 38.16
CA ALA D 175 -22.99 -23.72 38.91
C ALA D 175 -24.21 -24.16 38.11
N GLU D 176 -24.15 -24.03 36.79
CA GLU D 176 -25.21 -24.58 35.96
C GLU D 176 -25.29 -26.10 36.09
N ILE D 177 -24.19 -26.79 35.77
CA ILE D 177 -24.15 -28.26 35.80
C ILE D 177 -24.66 -28.81 37.12
N VAL D 178 -24.18 -28.25 38.23
CA VAL D 178 -24.68 -28.67 39.54
C VAL D 178 -26.18 -28.56 39.55
N ARG D 179 -26.69 -27.40 39.13
CA ARG D 179 -28.12 -27.19 39.08
C ARG D 179 -28.82 -28.26 38.25
N ARG D 180 -28.26 -28.61 37.10
CA ARG D 180 -28.88 -29.65 36.27
C ARG D 180 -28.78 -31.02 36.89
N LEU D 181 -27.75 -31.28 37.68
CA LEU D 181 -27.62 -32.57 38.31
C LEU D 181 -28.60 -32.77 39.44
N ALA D 182 -29.46 -31.79 39.69
CA ALA D 182 -30.46 -31.85 40.74
C ALA D 182 -31.81 -32.36 40.25
N GLU D 183 -31.91 -32.70 38.96
CA GLU D 183 -33.19 -33.09 38.35
C GLU D 183 -33.23 -34.59 38.07
N LYS E 160 16.58 -1.51 -25.45
CA LYS E 160 17.18 -2.41 -26.44
C LYS E 160 17.00 -1.81 -27.81
N PHE E 161 17.97 -2.04 -28.69
CA PHE E 161 17.95 -1.45 -30.02
C PHE E 161 17.04 -2.26 -30.94
N THR E 162 16.62 -1.62 -32.03
CA THR E 162 15.95 -2.34 -33.13
C THR E 162 16.97 -2.69 -34.20
N ASN E 163 16.50 -3.46 -35.19
CA ASN E 163 17.39 -3.83 -36.29
C ASN E 163 17.77 -2.62 -37.10
N LEU E 164 16.86 -1.67 -37.26
CA LEU E 164 17.20 -0.48 -38.01
C LEU E 164 18.26 0.32 -37.26
N GLU E 165 18.00 0.64 -35.99
CA GLU E 165 18.96 1.45 -35.22
C GLU E 165 20.35 0.83 -35.21
N ILE E 166 20.44 -0.50 -35.19
CA ILE E 166 21.75 -1.11 -35.20
C ILE E 166 22.43 -0.89 -36.54
N LEU E 167 21.68 -1.01 -37.63
CA LEU E 167 22.26 -0.80 -38.95
C LEU E 167 22.71 0.63 -39.13
N THR E 168 21.96 1.58 -38.55
CA THR E 168 22.34 2.98 -38.59
C THR E 168 23.67 3.22 -37.88
N HIS E 169 23.81 2.74 -36.64
CA HIS E 169 25.11 2.87 -35.98
C HIS E 169 26.19 2.23 -36.82
N LEU E 170 25.89 1.07 -37.40
CA LEU E 170 26.92 0.35 -38.14
C LEU E 170 27.34 1.12 -39.38
N TYR E 171 26.39 1.73 -40.09
CA TYR E 171 26.76 2.50 -41.27
C TYR E 171 27.57 3.73 -40.88
N ASN E 172 27.06 4.50 -39.91
CA ASN E 172 27.76 5.69 -39.45
C ASN E 172 29.15 5.37 -38.94
N LEU E 173 29.27 4.30 -38.14
CA LEU E 173 30.59 3.82 -37.78
C LEU E 173 31.41 3.54 -39.03
N LYS E 174 30.82 2.86 -40.01
CA LYS E 174 31.59 2.49 -41.19
C LYS E 174 32.10 3.74 -41.86
N ALA E 175 31.28 4.79 -41.91
CA ALA E 175 31.71 6.04 -42.53
C ALA E 175 32.87 6.69 -41.78
N GLU E 176 32.82 6.70 -40.44
CA GLU E 176 33.91 7.28 -39.67
C GLU E 176 35.22 6.52 -39.86
N ILE E 177 35.18 5.19 -39.90
CA ILE E 177 36.41 4.44 -40.07
C ILE E 177 36.94 4.57 -41.48
N VAL E 178 36.04 4.48 -42.47
CA VAL E 178 36.45 4.74 -43.83
C VAL E 178 37.08 6.12 -43.92
N ARG E 179 36.61 7.07 -43.11
CA ARG E 179 37.26 8.38 -43.11
C ARG E 179 38.67 8.30 -42.53
N ARG E 180 38.89 7.54 -41.46
CA ARG E 180 40.25 7.47 -40.95
C ARG E 180 41.15 6.60 -41.80
N LEU E 181 40.56 5.61 -42.49
CA LEU E 181 41.36 4.81 -43.41
C LEU E 181 41.78 5.60 -44.63
N ALA E 182 40.96 6.58 -45.03
CA ALA E 182 41.32 7.48 -46.12
C ALA E 182 42.25 8.58 -45.65
N GLU E 183 42.11 9.03 -44.39
CA GLU E 183 43.00 10.04 -43.85
C GLU E 183 44.44 9.57 -43.83
N GLN E 184 44.68 8.27 -44.04
CA GLN E 184 46.02 7.71 -44.08
C GLN E 184 46.41 7.41 -45.54
N PRO F 11 13.78 19.18 28.08
CA PRO F 11 13.81 17.91 28.77
C PRO F 11 15.21 17.29 28.79
N LEU F 12 16.06 17.75 29.72
CA LEU F 12 17.46 17.34 29.74
C LEU F 12 17.64 15.90 30.25
N ASP F 13 16.87 15.50 31.26
CA ASP F 13 16.88 14.14 31.82
C ASP F 13 15.47 13.56 31.69
N PHE F 14 15.36 12.51 30.90
CA PHE F 14 14.09 11.85 30.65
C PHE F 14 13.45 11.11 31.81
N THR F 15 14.26 10.42 32.60
CA THR F 15 13.74 9.52 33.63
C THR F 15 12.92 10.22 34.70
N GLN F 16 13.37 11.38 35.15
CA GLN F 16 12.58 12.23 36.01
C GLN F 16 11.40 12.82 35.28
N TYR F 17 11.63 13.21 34.04
CA TYR F 17 10.69 14.02 33.30
C TYR F 17 9.40 13.24 33.23
N ALA F 18 9.53 11.93 33.03
CA ALA F 18 8.37 11.09 33.10
C ALA F 18 7.81 11.14 34.50
N LYS F 19 8.70 11.10 35.47
CA LYS F 19 8.26 11.07 36.84
C LYS F 19 7.52 12.35 37.21
N ASN F 20 8.09 13.49 36.82
CA ASN F 20 7.41 14.75 37.07
C ASN F 20 6.16 14.79 36.25
N MET F 21 6.27 14.33 35.01
CA MET F 21 5.13 14.25 34.11
C MET F 21 4.13 13.21 34.61
N ARG F 22 4.58 11.97 34.87
CA ARG F 22 3.63 10.97 35.37
C ARG F 22 2.94 11.44 36.66
N LYS F 23 3.69 11.96 37.63
CA LYS F 23 3.04 12.45 38.85
C LYS F 23 2.08 13.61 38.55
N ASP F 24 2.33 14.38 37.48
CA ASP F 24 1.48 15.56 37.25
C ASP F 24 0.18 15.19 36.52
N LEU F 25 0.17 14.14 35.70
CA LEU F 25 -0.97 13.86 34.85
C LEU F 25 -1.44 12.39 34.82
N SER F 26 -0.71 11.51 35.48
CA SER F 26 -0.99 10.10 35.39
C SER F 26 -1.96 9.65 36.46
N ASN F 27 -2.83 8.72 36.10
CA ASN F 27 -3.87 8.28 37.00
C ASN F 27 -3.23 7.70 38.23
N GLN F 28 -3.91 7.76 39.36
CA GLN F 28 -3.27 7.43 40.61
C GLN F 28 -2.76 6.01 40.52
N ASP F 29 -3.53 5.15 39.86
CA ASP F 29 -3.12 3.78 39.66
C ASP F 29 -1.88 3.60 38.80
N ILE F 30 -1.78 4.35 37.71
CA ILE F 30 -0.65 4.20 36.80
C ILE F 30 0.67 4.57 37.44
N CYS F 31 0.68 5.64 38.21
CA CYS F 31 1.92 6.04 38.85
C CYS F 31 1.83 5.80 40.35
N LEU F 32 2.98 5.49 40.93
CA LEU F 32 3.08 5.42 42.37
C LEU F 32 3.06 6.83 42.96
N GLU F 33 3.18 6.89 44.29
CA GLU F 33 3.50 8.13 44.98
C GLU F 33 4.85 8.67 44.53
N ASP F 34 5.83 7.78 44.34
CA ASP F 34 7.23 8.12 44.03
C ASP F 34 7.44 8.62 42.61
N GLY F 35 6.36 8.71 41.83
CA GLY F 35 6.44 9.07 40.43
C GLY F 35 6.79 7.94 39.49
N ALA F 36 7.23 6.79 40.01
CA ALA F 36 7.66 5.65 39.21
C ALA F 36 6.46 4.82 38.75
N LEU F 37 6.65 4.13 37.63
CA LEU F 37 5.54 3.43 37.01
C LEU F 37 5.09 2.26 37.89
N ASN F 38 3.78 2.23 38.18
CA ASN F 38 3.13 1.09 38.81
C ASN F 38 2.96 -0.02 37.79
N HIS F 39 3.90 -0.97 37.79
CA HIS F 39 3.84 -2.12 36.89
C HIS F 39 2.62 -3.02 37.14
N SER F 40 2.03 -2.99 38.35
CA SER F 40 0.92 -3.89 38.66
C SER F 40 -0.37 -3.50 37.95
N TYR F 41 -0.47 -2.26 37.47
CA TYR F 41 -1.69 -1.83 36.79
C TYR F 41 -1.70 -2.22 35.32
N PHE F 42 -0.51 -2.44 34.74
CA PHE F 42 -0.37 -2.90 33.37
C PHE F 42 -0.08 -4.40 33.27
N LEU F 43 -0.08 -5.12 34.39
CA LEU F 43 -0.13 -6.57 34.40
C LEU F 43 -1.54 -7.11 34.57
N THR F 44 -2.52 -6.23 34.72
CA THR F 44 -3.90 -6.62 34.84
C THR F 44 -4.69 -5.93 33.75
N LYS F 45 -5.51 -6.70 33.03
CA LYS F 45 -6.34 -6.16 31.97
C LYS F 45 -7.05 -4.90 32.46
N LYS F 46 -7.20 -3.94 31.55
CA LYS F 46 -7.85 -2.67 31.89
C LYS F 46 -9.26 -2.90 32.43
N GLY F 47 -9.61 -2.14 33.48
CA GLY F 47 -10.92 -2.22 34.10
C GLY F 47 -11.10 -3.35 35.08
N GLN F 48 -10.10 -4.20 35.23
CA GLN F 48 -10.08 -5.34 36.11
C GLN F 48 -9.03 -5.20 37.20
N TYR F 49 -8.52 -3.99 37.40
CA TYR F 49 -7.43 -3.80 38.35
C TYR F 49 -7.96 -4.01 39.76
N TRP F 50 -7.19 -4.74 40.57
CA TRP F 50 -7.47 -4.94 41.97
C TRP F 50 -6.58 -3.99 42.76
N THR F 51 -7.19 -2.97 43.40
CA THR F 51 -6.50 -1.91 44.10
C THR F 51 -6.30 -2.26 45.55
N PRO F 52 -5.43 -1.54 46.27
CA PRO F 52 -5.33 -1.79 47.72
C PRO F 52 -6.59 -1.42 48.48
N LEU F 53 -7.36 -0.44 48.01
CA LEU F 53 -8.65 -0.16 48.63
C LEU F 53 -9.60 -1.35 48.45
N ASN F 54 -9.52 -2.01 47.29
CA ASN F 54 -10.31 -3.22 47.08
C ASN F 54 -9.88 -4.31 48.06
N GLN F 55 -8.58 -4.39 48.37
CA GLN F 55 -8.08 -5.41 49.27
C GLN F 55 -8.64 -5.23 50.68
N LYS F 56 -8.58 -4.00 51.20
CA LYS F 56 -9.07 -3.74 52.56
C LYS F 56 -10.59 -3.84 52.63
N ALA F 57 -11.27 -3.28 51.62
CA ALA F 57 -12.72 -3.43 51.52
C ALA F 57 -13.13 -4.89 51.42
N LEU F 58 -12.22 -5.78 51.03
CA LEU F 58 -12.43 -7.23 51.14
C LEU F 58 -12.01 -7.76 52.52
N GLN F 59 -10.81 -7.39 53.00
CA GLN F 59 -10.38 -7.82 54.33
C GLN F 59 -11.45 -7.51 55.37
N ARG F 60 -11.88 -6.25 55.41
CA ARG F 60 -12.96 -5.85 56.30
C ARG F 60 -14.27 -6.57 55.95
N GLY F 61 -14.50 -6.84 54.67
CA GLY F 61 -15.70 -7.57 54.29
C GLY F 61 -15.78 -8.96 54.89
N ILE F 62 -14.64 -9.68 54.92
CA ILE F 62 -14.65 -11.06 55.42
C ILE F 62 -15.05 -11.12 56.88
N GLU F 63 -14.30 -10.38 57.72
CA GLU F 63 -14.62 -10.31 59.14
C GLU F 63 -16.06 -9.93 59.37
N LEU F 64 -16.62 -9.08 58.51
CA LEU F 64 -17.97 -8.60 58.77
C LEU F 64 -19.04 -9.62 58.38
N PHE F 65 -18.88 -10.30 57.25
CA PHE F 65 -19.88 -11.27 56.82
C PHE F 65 -19.43 -12.72 56.83
N GLY F 66 -18.17 -13.02 57.14
CA GLY F 66 -17.71 -14.38 57.05
C GLY F 66 -17.43 -14.83 55.62
N VAL F 67 -16.80 -16.00 55.51
CA VAL F 67 -16.18 -16.41 54.24
C VAL F 67 -17.22 -16.84 53.21
N GLY F 68 -18.16 -17.73 53.59
CA GLY F 68 -19.08 -18.29 52.60
C GLY F 68 -19.83 -17.27 51.77
N ASN F 69 -20.21 -16.13 52.36
CA ASN F 69 -21.28 -15.28 51.83
C ASN F 69 -20.72 -14.14 50.97
N TRP F 70 -20.56 -14.37 49.66
CA TRP F 70 -19.84 -13.43 48.78
C TRP F 70 -20.70 -12.27 48.30
N LYS F 71 -21.94 -12.59 47.96
CA LYS F 71 -22.92 -11.63 47.50
C LYS F 71 -23.15 -10.55 48.55
N GLU F 72 -23.25 -10.93 49.83
CA GLU F 72 -23.46 -9.92 50.87
C GLU F 72 -22.28 -8.95 51.00
N ILE F 73 -21.03 -9.43 50.83
CA ILE F 73 -19.88 -8.54 50.96
C ILE F 73 -19.79 -7.59 49.77
N ASN F 74 -20.13 -8.10 48.58
CA ASN F 74 -19.95 -7.38 47.33
C ASN F 74 -20.73 -6.08 47.33
N TYR F 75 -21.96 -6.15 47.82
CA TYR F 75 -22.80 -4.96 47.96
C TYR F 75 -22.24 -3.98 48.95
N ASP F 76 -21.55 -4.49 49.96
CA ASP F 76 -21.26 -3.69 51.14
C ASP F 76 -20.12 -2.73 50.92
N GLU F 77 -19.05 -3.18 50.28
CA GLU F 77 -18.00 -2.22 50.03
C GLU F 77 -17.72 -2.00 48.55
N PHE F 78 -18.35 -2.77 47.66
CA PHE F 78 -18.16 -2.59 46.23
C PHE F 78 -19.42 -2.19 45.50
N SER F 79 -20.47 -1.82 46.23
CA SER F 79 -21.69 -1.31 45.62
C SER F 79 -22.20 -2.24 44.52
N GLY F 80 -21.79 -3.51 44.61
CA GLY F 80 -22.23 -4.56 43.71
C GLY F 80 -21.44 -4.67 42.45
N LYS F 81 -20.26 -4.07 42.38
CA LYS F 81 -19.57 -3.87 41.12
C LYS F 81 -18.38 -4.80 40.94
N ALA F 82 -18.16 -5.73 41.86
CA ALA F 82 -17.02 -6.63 41.78
C ALA F 82 -17.47 -8.04 41.43
N ASN F 83 -16.49 -8.91 41.21
CA ASN F 83 -16.75 -10.24 40.72
C ASN F 83 -16.67 -11.22 41.90
N ILE F 84 -17.80 -11.85 42.24
CA ILE F 84 -17.82 -12.79 43.34
C ILE F 84 -16.79 -13.88 43.14
N VAL F 85 -16.44 -14.19 41.90
CA VAL F 85 -15.39 -15.18 41.74
C VAL F 85 -14.03 -14.59 42.10
N GLU F 86 -13.82 -13.30 41.83
CA GLU F 86 -12.58 -12.67 42.22
C GLU F 86 -12.45 -12.58 43.73
N LEU F 87 -13.59 -12.52 44.43
CA LEU F 87 -13.54 -12.44 45.87
C LEU F 87 -13.14 -13.76 46.49
N GLU F 88 -13.75 -14.86 46.02
CA GLU F 88 -13.36 -16.16 46.51
C GLU F 88 -11.87 -16.39 46.28
N LEU F 89 -11.40 -16.18 45.04
CA LEU F 89 -9.98 -16.37 44.80
C LEU F 89 -9.14 -15.43 45.63
N ARG F 90 -9.62 -14.22 45.90
CA ARG F 90 -8.76 -13.26 46.59
C ARG F 90 -8.53 -13.66 48.04
N THR F 91 -9.53 -14.31 48.66
CA THR F 91 -9.41 -14.76 50.05
C THR F 91 -8.59 -16.05 50.18
N CYS F 92 -8.63 -16.93 49.18
CA CYS F 92 -7.68 -18.03 49.18
C CYS F 92 -6.25 -17.51 49.27
N MET F 93 -6.01 -16.25 48.91
CA MET F 93 -4.70 -15.61 49.04
C MET F 93 -4.53 -14.95 50.39
N ILE F 94 -5.65 -14.45 50.93
CA ILE F 94 -5.69 -13.85 52.24
C ILE F 94 -5.51 -14.90 53.33
N LEU F 95 -6.21 -16.01 53.20
CA LEU F 95 -5.83 -17.18 53.98
C LEU F 95 -4.71 -17.90 53.25
N GLY F 96 -4.09 -18.87 53.93
CA GLY F 96 -3.02 -19.60 53.28
C GLY F 96 -3.50 -20.53 52.19
N ILE F 97 -4.72 -21.08 52.35
CA ILE F 97 -5.14 -22.29 51.65
C ILE F 97 -5.73 -21.94 50.30
N ASN F 98 -5.81 -22.95 49.44
CA ASN F 98 -6.34 -22.81 48.08
C ASN F 98 -7.81 -23.20 47.97
N ASP F 99 -8.31 -24.11 48.79
CA ASP F 99 -9.75 -24.30 48.93
C ASP F 99 -10.19 -23.91 50.32
N ILE F 100 -11.35 -23.30 50.42
CA ILE F 100 -11.75 -22.67 51.66
C ILE F 100 -13.09 -23.20 52.14
N THR F 101 -13.43 -24.40 51.71
CA THR F 101 -14.69 -24.97 52.12
C THR F 101 -14.75 -25.16 53.63
N GLU F 102 -13.61 -25.28 54.31
CA GLU F 102 -13.61 -25.50 55.75
C GLU F 102 -13.74 -24.23 56.55
N TYR F 103 -13.84 -23.08 55.88
CA TYR F 103 -13.94 -21.80 56.56
C TYR F 103 -15.32 -21.16 56.40
N TYR F 104 -16.19 -21.74 55.57
CA TYR F 104 -17.42 -21.07 55.19
C TYR F 104 -18.24 -20.73 56.41
N GLY F 105 -18.74 -19.50 56.44
CA GLY F 105 -19.57 -19.03 57.52
C GLY F 105 -18.83 -18.31 58.61
N LYS F 106 -17.58 -18.65 58.86
CA LYS F 106 -16.90 -18.07 60.00
C LYS F 106 -16.40 -16.69 59.63
N LYS F 107 -16.58 -15.72 60.52
CA LYS F 107 -16.20 -14.34 60.28
C LYS F 107 -14.85 -14.13 60.92
N ILE F 108 -13.85 -13.84 60.10
CA ILE F 108 -12.48 -13.91 60.54
C ILE F 108 -11.93 -12.50 60.66
N SER F 109 -11.34 -12.19 61.79
CA SER F 109 -10.89 -10.83 62.04
C SER F 109 -9.68 -10.50 61.18
N GLU F 110 -9.58 -9.24 60.78
CA GLU F 110 -8.44 -8.79 59.98
C GLU F 110 -7.11 -9.27 60.57
N GLU F 111 -6.99 -9.29 61.91
CA GLU F 111 -5.77 -9.84 62.51
C GLU F 111 -5.84 -11.34 62.63
N GLU F 112 -7.04 -11.87 62.85
CA GLU F 112 -7.19 -13.30 62.90
C GLU F 112 -6.83 -13.93 61.56
N GLN F 113 -7.31 -13.34 60.45
CA GLN F 113 -7.06 -13.95 59.15
C GLN F 113 -5.56 -13.98 58.84
N GLU F 114 -4.84 -12.90 59.19
CA GLU F 114 -3.38 -12.94 59.02
C GLU F 114 -2.77 -14.07 59.84
N GLU F 115 -3.32 -14.35 61.03
CA GLU F 115 -2.80 -15.48 61.79
C GLU F 115 -3.05 -16.79 61.06
N ILE F 116 -4.25 -16.97 60.50
CA ILE F 116 -4.59 -18.20 59.78
C ILE F 116 -3.68 -18.41 58.59
N LYS F 117 -3.37 -17.31 57.87
CA LYS F 117 -2.53 -17.39 56.69
C LYS F 117 -1.18 -18.02 57.02
N LYS F 118 -0.45 -17.44 57.97
CA LYS F 118 0.91 -17.92 58.21
C LYS F 118 0.91 -19.37 58.71
N SER F 119 -0.13 -19.80 59.43
CA SER F 119 -0.18 -21.17 59.93
C SER F 119 -0.38 -22.16 58.80
N ASN F 120 -1.16 -21.75 57.78
CA ASN F 120 -1.30 -22.55 56.56
C ASN F 120 -0.03 -22.54 55.71
N ILE F 121 0.61 -21.37 55.56
CA ILE F 121 1.91 -21.36 54.90
C ILE F 121 2.89 -22.25 55.68
N ALA F 122 2.78 -22.27 57.01
CA ALA F 122 3.65 -23.14 57.81
C ALA F 122 3.35 -24.61 57.59
N LYS F 123 2.08 -25.00 57.76
CA LYS F 123 1.64 -26.36 57.52
C LYS F 123 1.84 -26.76 56.06
N GLY F 124 1.80 -25.80 55.14
CA GLY F 124 2.15 -26.09 53.75
C GLY F 124 3.56 -26.63 53.62
N LYS F 125 4.53 -25.94 54.22
CA LYS F 125 5.91 -26.40 54.18
C LYS F 125 6.10 -27.72 54.91
N LYS F 126 5.25 -28.01 55.90
CA LYS F 126 5.41 -29.21 56.72
C LYS F 126 5.12 -30.48 55.94
N GLU F 127 4.14 -30.44 55.03
CA GLU F 127 3.82 -31.58 54.18
C GLU F 127 4.23 -31.35 52.72
N ASN F 128 5.12 -30.39 52.48
CA ASN F 128 5.64 -29.99 51.16
C ASN F 128 4.54 -29.70 50.14
N LYS F 129 3.36 -29.30 50.61
CA LYS F 129 2.24 -28.93 49.76
C LYS F 129 2.06 -27.40 49.83
N LEU F 130 2.96 -26.67 49.16
CA LEU F 130 2.92 -25.21 49.10
C LEU F 130 3.58 -24.74 47.81
N LYS F 131 2.89 -23.84 47.11
CA LYS F 131 3.31 -23.31 45.81
C LYS F 131 2.70 -21.93 45.67
N ASP F 132 3.50 -20.97 45.22
CA ASP F 132 3.03 -19.58 45.06
C ASP F 132 2.39 -19.07 46.35
N ASN F 133 3.02 -19.37 47.49
CA ASN F 133 2.67 -18.81 48.79
C ASN F 133 1.24 -19.13 49.18
N ILE F 134 0.77 -20.28 48.73
CA ILE F 134 -0.61 -20.73 48.91
C ILE F 134 -0.54 -22.20 49.31
N TYR F 135 -1.10 -22.52 50.48
CA TYR F 135 -1.30 -23.91 50.88
C TYR F 135 -2.27 -24.59 49.92
N GLN F 136 -1.87 -25.74 49.37
CA GLN F 136 -2.66 -26.43 48.36
C GLN F 136 -3.27 -27.70 48.95
N LYS F 137 -4.28 -27.51 49.78
CA LYS F 137 -4.93 -28.63 50.43
C LYS F 137 -5.67 -29.51 49.45
N LEU F 138 -6.19 -28.92 48.38
CA LEU F 138 -6.83 -29.68 47.31
C LEU F 138 -5.85 -29.80 46.14
N GLN F 139 -5.82 -30.98 45.50
CA GLN F 139 -5.00 -31.23 44.29
C GLN F 139 -5.79 -31.85 43.13
#